data_8IV0
#
_entry.id   8IV0
#
_cell.length_a   1.00
_cell.length_b   1.00
_cell.length_c   1.00
_cell.angle_alpha   90.00
_cell.angle_beta   90.00
_cell.angle_gamma   90.00
#
_symmetry.space_group_name_H-M   'P 1'
#
loop_
_entity.id
_entity.type
_entity.pdbx_description
1 polymer Hemagglutinin
2 polymer 'C4H4 Fab heavy chain'
3 polymer 'C4H4 Fab light chain'
4 non-polymer 2-acetamido-2-deoxy-beta-D-glucopyranose
#
loop_
_entity_poly.entity_id
_entity_poly.type
_entity_poly.pdbx_seq_one_letter_code
_entity_poly.pdbx_strand_id
1 'polypeptide(L)'
;DKICLGHHAVSNGTKVNTLTERGVEVVNATETVERTNTPRICSKGKRTVDLGQCGLLGTITGPPQCDQFLEFSADLIIER
REGSDVCYPGKFVNEEALRQILRESGGIDKESMGFTYNGIRTNGVTSACRRSGSSFYAEMKWLLSNTDNAAFPQMTKSYK
NTRESPAIIVWGIHHSVSTAEQTKLYGSGNKLVTVGSSNYQQSFVPSPGARPQVNGLSGRIDFHWLILNPNDTVTFSFNG
AFIAPDRASFLRGKSMGIQSGVQVDANCEGDCYHSGGTIISNLPFQNIDSRAVGKCPRYVKQRSLLLATGMKNVPEVPKG
KRTARGLFGAIAGFIENGWEGLIDGWYGFRHQNAQGEGTAADYKSTQSAIDQITGKLNRLIAKTNQQFKLIDNEFNEVEK
QIGNVINWTRDSITEVWSYNAELLVAMENQHTIDLADSEMDKLYERVKRQLRENAEEDGTGCFEIFHKCDDDCMASIRNN
TYDHRKYREEAMQN
;
A
2 'polypeptide(L)'
;VQLQESGPEVVRPGVSVKISCKGSGYTFTDYPMHWVKQSHAKSLEWIGVFSTYNGNTNYNQKFKGKATMTVDKSSSTAYM
ELDRLTSEDSGIYYCAIGGELSWFAYCGQGTTLTVSA
;
B
3 'polypeptide(L)'
;DIVMTQSPASLAVSLGQRATISYRASKSVSTSGYSYMHWNQQKPGQPPRLLIYLVSNLESGVPARFSGSGSGTDFTLNIH
PVEEEDAATYYCQHIRELTRSEGGPSWNS
;
C
#
loop_
_chem_comp.id
_chem_comp.type
_chem_comp.name
_chem_comp.formula
NAG D-saccharide, beta linking 2-acetamido-2-deoxy-beta-D-glucopyranose 'C8 H15 N O6'
#
# COMPACT_ATOMS: atom_id res chain seq x y z
N ASP A 1 26.72 52.56 52.35
CA ASP A 1 27.75 51.69 52.93
C ASP A 1 28.26 50.66 51.93
N LYS A 2 27.46 49.63 51.70
CA LYS A 2 27.89 48.45 50.97
C LYS A 2 26.95 48.21 49.80
N ILE A 3 27.25 47.18 49.02
CA ILE A 3 26.31 46.56 48.10
C ILE A 3 26.20 45.09 48.48
N CYS A 4 25.35 44.38 47.78
CA CYS A 4 25.44 42.93 47.70
C CYS A 4 25.30 42.51 46.26
N LEU A 5 25.49 41.22 46.02
CA LEU A 5 25.22 40.61 44.74
C LEU A 5 24.12 39.59 44.98
N GLY A 6 23.66 38.94 43.94
CA GLY A 6 22.62 37.95 44.12
C GLY A 6 22.21 37.35 42.80
N HIS A 7 20.95 36.97 42.75
CA HIS A 7 20.34 36.39 41.57
C HIS A 7 18.82 36.57 41.67
N HIS A 8 18.09 35.81 40.85
CA HIS A 8 16.64 35.94 40.79
C HIS A 8 16.00 34.63 41.25
N ALA A 9 14.89 34.75 41.97
CA ALA A 9 14.18 33.59 42.48
C ALA A 9 12.68 33.81 42.35
N VAL A 10 12.01 32.92 41.61
CA VAL A 10 10.56 32.92 41.60
C VAL A 10 10.04 32.27 42.88
N SER A 11 8.89 32.75 43.37
CA SER A 11 8.38 32.28 44.65
C SER A 11 7.81 30.86 44.59
N ASN A 12 7.46 30.38 43.41
CA ASN A 12 6.93 29.02 43.25
C ASN A 12 7.55 28.39 42.02
N GLY A 13 8.67 27.68 42.21
CA GLY A 13 9.43 27.16 41.09
C GLY A 13 9.18 25.71 40.77
N THR A 14 10.05 25.13 39.95
CA THR A 14 9.88 23.78 39.45
C THR A 14 10.97 22.89 40.05
N LYS A 15 10.65 21.61 40.22
CA LYS A 15 11.55 20.65 40.84
C LYS A 15 12.08 19.69 39.79
N VAL A 16 13.40 19.66 39.63
CA VAL A 16 14.06 18.85 38.61
C VAL A 16 14.93 17.81 39.30
N ASN A 17 15.16 16.70 38.59
CA ASN A 17 16.01 15.61 39.08
C ASN A 17 17.42 15.83 38.56
N THR A 18 18.32 16.30 39.43
CA THR A 18 19.72 16.47 39.04
C THR A 18 20.47 15.14 39.11
N LEU A 19 21.79 15.19 39.03
CA LEU A 19 22.60 13.98 38.96
C LEU A 19 22.79 13.33 40.33
N THR A 20 22.66 14.11 41.40
CA THR A 20 22.96 13.64 42.75
C THR A 20 21.89 14.08 43.73
N GLU A 21 20.64 14.21 43.27
CA GLU A 21 19.53 14.66 44.11
C GLU A 21 18.24 14.35 43.36
N ARG A 22 17.10 14.47 44.06
CA ARG A 22 15.78 14.32 43.47
C ARG A 22 14.91 15.48 43.91
N GLY A 23 14.30 16.18 42.95
CA GLY A 23 13.42 17.28 43.28
C GLY A 23 14.10 18.53 43.80
N VAL A 24 14.83 19.23 42.95
CA VAL A 24 15.58 20.43 43.33
C VAL A 24 14.79 21.66 42.90
N GLU A 25 14.53 22.57 43.85
CA GLU A 25 13.66 23.71 43.60
C GLU A 25 14.39 24.72 42.72
N VAL A 26 14.10 24.67 41.43
CA VAL A 26 14.77 25.45 40.40
C VAL A 26 13.81 26.55 39.94
N VAL A 27 14.37 27.69 39.48
CA VAL A 27 13.58 28.84 39.05
C VAL A 27 12.67 28.49 37.88
N ASN A 28 13.25 28.03 36.78
CA ASN A 28 12.45 27.83 35.58
C ASN A 28 12.66 26.41 35.09
N ALA A 29 11.91 26.01 34.09
CA ALA A 29 12.07 24.70 33.51
C ALA A 29 11.50 24.69 32.11
N THR A 30 11.85 23.65 31.37
CA THR A 30 11.24 23.33 30.10
C THR A 30 10.80 21.88 30.25
N GLU A 31 10.46 21.22 29.17
CA GLU A 31 9.91 19.87 29.26
C GLU A 31 10.37 19.11 28.02
N THR A 32 11.47 18.35 28.16
CA THR A 32 11.98 17.52 27.07
C THR A 32 11.03 16.43 26.62
N VAL A 33 10.01 16.11 27.40
CA VAL A 33 9.09 15.04 27.05
C VAL A 33 7.74 15.69 26.77
N GLU A 34 7.43 15.90 25.50
CA GLU A 34 6.17 16.50 25.12
C GLU A 34 5.09 15.42 25.14
N ARG A 35 4.05 15.65 25.94
CA ARG A 35 2.95 14.72 26.13
C ARG A 35 1.71 15.09 25.33
N THR A 36 1.51 16.37 25.05
CA THR A 36 0.31 16.85 24.38
C THR A 36 0.50 16.76 22.87
N ASN A 37 -0.34 16.00 22.20
CA ASN A 37 -0.29 15.97 20.75
C ASN A 37 -1.37 16.85 20.15
N THR A 38 -1.34 16.95 18.83
CA THR A 38 -2.42 17.51 18.05
C THR A 38 -3.19 16.34 17.46
N PRO A 39 -4.43 16.06 17.90
CA PRO A 39 -5.04 14.76 17.59
C PRO A 39 -5.57 14.59 16.17
N ARG A 40 -4.77 15.02 15.18
CA ARG A 40 -5.09 15.01 13.77
C ARG A 40 -3.78 14.88 13.01
N ILE A 41 -3.87 14.53 11.74
CA ILE A 41 -2.69 14.36 10.90
C ILE A 41 -2.38 15.72 10.27
N CYS A 42 -1.42 16.44 10.84
CA CYS A 42 -0.96 17.71 10.30
C CYS A 42 -0.17 17.51 9.01
N SER A 43 -0.83 17.64 7.86
CA SER A 43 -0.22 17.21 6.61
C SER A 43 -0.20 18.28 5.54
N LYS A 44 0.27 19.49 5.88
CA LYS A 44 0.49 20.52 4.88
C LYS A 44 1.91 20.40 4.35
N GLY A 45 2.08 20.62 3.05
CA GLY A 45 3.35 20.39 2.39
C GLY A 45 3.46 19.04 1.73
N LYS A 46 2.44 18.20 1.87
CA LYS A 46 2.42 16.86 1.30
C LYS A 46 1.11 16.68 0.57
N ARG A 47 1.10 15.73 -0.36
CA ARG A 47 -0.15 15.25 -0.93
C ARG A 47 -0.53 13.97 -0.17
N THR A 48 -1.70 14.01 0.46
CA THR A 48 -2.03 13.13 1.58
C THR A 48 -3.23 12.28 1.20
N VAL A 49 -3.09 10.97 1.35
CA VAL A 49 -4.10 10.01 0.91
C VAL A 49 -4.65 9.33 2.15
N ASP A 50 -5.79 9.82 2.64
CA ASP A 50 -6.57 9.05 3.61
C ASP A 50 -7.21 7.88 2.87
N LEU A 51 -7.14 6.70 3.48
CA LEU A 51 -7.62 5.49 2.82
C LEU A 51 -9.03 5.11 3.21
N GLY A 52 -9.44 5.33 4.46
CA GLY A 52 -10.80 5.02 4.87
C GLY A 52 -11.02 3.52 4.93
N GLN A 53 -12.02 3.04 4.20
CA GLN A 53 -12.26 1.59 4.13
C GLN A 53 -11.21 0.89 3.29
N CYS A 54 -10.47 1.62 2.47
CA CYS A 54 -9.30 1.05 1.80
C CYS A 54 -8.17 0.86 2.81
N GLY A 55 -7.25 -0.04 2.48
CA GLY A 55 -6.07 -0.20 3.29
C GLY A 55 -4.80 0.03 2.49
N LEU A 56 -3.66 -0.34 3.07
CA LEU A 56 -2.38 -0.17 2.38
C LEU A 56 -2.25 -1.17 1.24
N LEU A 57 -2.39 -2.45 1.56
CA LEU A 57 -2.22 -3.53 0.59
C LEU A 57 -3.37 -3.64 -0.40
N GLY A 58 -4.42 -2.83 -0.24
CA GLY A 58 -5.46 -2.74 -1.25
C GLY A 58 -5.14 -1.83 -2.40
N THR A 59 -4.12 -0.97 -2.25
CA THR A 59 -3.75 -0.07 -3.32
C THR A 59 -3.16 -0.82 -4.50
N ILE A 60 -2.52 -1.96 -4.27
CA ILE A 60 -2.20 -2.83 -5.38
C ILE A 60 -3.44 -3.54 -5.88
N THR A 61 -4.19 -4.16 -4.96
CA THR A 61 -5.17 -5.15 -5.36
C THR A 61 -6.46 -4.52 -5.85
N GLY A 62 -6.79 -3.35 -5.32
CA GLY A 62 -8.05 -2.68 -5.60
C GLY A 62 -9.32 -3.46 -5.33
N PRO A 63 -9.66 -3.69 -4.05
CA PRO A 63 -11.02 -4.10 -3.73
C PRO A 63 -11.97 -2.92 -3.92
N PRO A 64 -13.30 -3.15 -3.94
CA PRO A 64 -14.23 -2.03 -4.20
C PRO A 64 -14.19 -0.89 -3.19
N GLN A 65 -13.59 -1.08 -2.02
CA GLN A 65 -13.34 0.03 -1.12
C GLN A 65 -12.09 0.81 -1.48
N CYS A 66 -11.38 0.43 -2.55
CA CYS A 66 -10.12 1.07 -2.93
C CYS A 66 -10.10 1.63 -4.35
N ASP A 67 -11.24 1.66 -5.05
CA ASP A 67 -11.26 1.98 -6.48
C ASP A 67 -10.83 3.41 -6.78
N GLN A 68 -10.94 4.32 -5.81
CA GLN A 68 -10.42 5.67 -5.97
C GLN A 68 -8.99 5.79 -5.44
N PHE A 69 -8.31 4.65 -5.24
CA PHE A 69 -6.92 4.66 -4.79
C PHE A 69 -6.07 3.66 -5.56
N LEU A 70 -6.53 3.22 -6.73
CA LEU A 70 -5.86 2.15 -7.48
C LEU A 70 -4.45 2.54 -7.93
N GLU A 71 -4.26 3.80 -8.31
CA GLU A 71 -3.05 4.20 -9.02
C GLU A 71 -2.59 5.55 -8.47
N PHE A 72 -2.53 5.65 -7.14
CA PHE A 72 -2.55 6.93 -6.45
C PHE A 72 -1.18 7.61 -6.53
N SER A 73 -1.06 8.73 -5.81
CA SER A 73 0.19 9.45 -5.67
C SER A 73 0.17 10.13 -4.31
N ALA A 74 1.28 10.04 -3.57
CA ALA A 74 1.26 10.54 -2.20
C ALA A 74 2.65 10.91 -1.75
N ASP A 75 2.70 11.83 -0.79
CA ASP A 75 3.86 11.98 0.08
C ASP A 75 3.52 11.54 1.50
N LEU A 76 2.33 10.97 1.70
CA LEU A 76 1.89 10.39 2.96
C LEU A 76 0.69 9.51 2.67
N ILE A 77 0.77 8.24 3.03
CA ILE A 77 -0.41 7.40 3.03
C ILE A 77 -0.83 7.23 4.49
N ILE A 78 -2.13 7.00 4.71
CA ILE A 78 -2.69 6.90 6.06
C ILE A 78 -3.63 5.70 6.09
N GLU A 79 -3.29 4.69 6.88
CA GLU A 79 -4.10 3.48 6.95
C GLU A 79 -5.06 3.54 8.14
N ARG A 80 -6.22 2.94 7.96
CA ARG A 80 -7.31 3.01 8.93
C ARG A 80 -7.56 1.65 9.57
N ARG A 81 -8.11 1.69 10.79
CA ARG A 81 -8.39 0.47 11.53
C ARG A 81 -9.44 -0.39 10.86
N GLU A 82 -10.42 0.25 10.23
CA GLU A 82 -11.47 -0.47 9.50
C GLU A 82 -11.04 -0.88 8.10
N GLY A 83 -9.78 -0.70 7.74
CA GLY A 83 -9.39 -0.86 6.35
C GLY A 83 -9.11 -2.28 5.98
N SER A 84 -10.10 -2.92 5.37
CA SER A 84 -9.92 -4.25 4.80
C SER A 84 -9.06 -4.16 3.55
N ASP A 85 -8.01 -4.96 3.51
CA ASP A 85 -7.20 -5.13 2.31
C ASP A 85 -7.79 -6.15 1.36
N VAL A 86 -9.00 -6.62 1.63
CA VAL A 86 -9.52 -7.82 1.00
C VAL A 86 -11.04 -7.71 0.93
N CYS A 87 -11.64 -8.38 -0.06
CA CYS A 87 -13.08 -8.48 -0.15
C CYS A 87 -13.56 -9.91 -0.37
N TYR A 88 -12.75 -10.79 -0.92
CA TYR A 88 -12.98 -12.22 -0.82
C TYR A 88 -11.92 -12.72 0.14
N PRO A 89 -12.28 -13.11 1.37
CA PRO A 89 -11.45 -12.78 2.54
C PRO A 89 -10.08 -13.46 2.59
N GLY A 90 -9.17 -12.80 3.29
CA GLY A 90 -7.84 -13.35 3.51
C GLY A 90 -6.84 -12.26 3.86
N LYS A 91 -5.57 -12.59 3.66
CA LYS A 91 -4.44 -11.72 3.95
C LYS A 91 -3.40 -11.97 2.87
N PHE A 92 -2.21 -11.39 3.03
CA PHE A 92 -1.18 -11.71 2.07
C PHE A 92 -0.25 -12.76 2.68
N VAL A 93 0.88 -13.00 2.02
CA VAL A 93 1.93 -13.86 2.52
C VAL A 93 3.20 -13.03 2.63
N ASN A 94 3.83 -13.06 3.82
CA ASN A 94 4.89 -12.14 4.21
C ASN A 94 4.43 -10.70 4.05
N GLU A 95 3.22 -10.44 4.54
CA GLU A 95 2.54 -9.18 4.29
C GLU A 95 3.17 -8.01 5.02
N GLU A 96 3.92 -8.24 6.09
CA GLU A 96 4.59 -7.12 6.74
C GLU A 96 5.80 -6.66 5.96
N ALA A 97 6.39 -7.54 5.14
CA ALA A 97 7.45 -7.12 4.22
C ALA A 97 6.89 -6.20 3.14
N LEU A 98 5.80 -6.61 2.50
CA LEU A 98 5.18 -5.80 1.44
C LEU A 98 4.61 -4.51 1.99
N ARG A 99 4.10 -4.52 3.22
CA ARG A 99 3.63 -3.27 3.81
C ARG A 99 4.73 -2.31 4.13
N GLN A 100 6.01 -2.58 4.00
CA GLN A 100 7.03 -1.58 4.28
C GLN A 100 7.63 -1.01 3.00
N ILE A 101 7.25 -1.58 1.86
CA ILE A 101 7.62 -1.06 0.55
C ILE A 101 6.58 -0.07 0.05
N LEU A 102 5.29 -0.48 0.09
CA LEU A 102 4.21 0.30 -0.51
C LEU A 102 3.98 1.62 0.23
N ARG A 103 4.20 1.66 1.53
CA ARG A 103 4.16 2.94 2.22
C ARG A 103 5.53 3.59 2.30
N GLU A 104 6.45 3.20 1.44
CA GLU A 104 7.65 3.98 1.14
C GLU A 104 7.79 4.20 -0.36
N SER A 105 6.71 4.03 -1.12
CA SER A 105 6.81 4.01 -2.57
C SER A 105 6.57 5.38 -3.19
N GLY A 106 5.67 6.17 -2.60
CA GLY A 106 5.22 7.42 -3.18
C GLY A 106 3.91 7.28 -3.93
N GLY A 107 3.75 6.20 -4.66
CA GLY A 107 2.51 5.93 -5.32
C GLY A 107 2.54 4.52 -5.83
N ILE A 108 1.71 4.26 -6.82
CA ILE A 108 1.77 3.02 -7.56
C ILE A 108 1.41 3.29 -9.01
N ASP A 109 2.42 3.48 -9.84
CA ASP A 109 2.22 3.65 -11.27
C ASP A 109 2.11 2.28 -11.91
N LYS A 110 1.35 2.18 -12.99
CA LYS A 110 1.11 0.87 -13.54
C LYS A 110 1.30 0.83 -15.04
N GLU A 111 1.49 -0.38 -15.54
CA GLU A 111 1.39 -0.68 -16.96
C GLU A 111 0.52 -1.91 -17.10
N SER A 112 -0.18 -2.01 -18.21
CA SER A 112 -0.80 -3.27 -18.58
C SER A 112 0.28 -4.30 -18.85
N MET A 113 -0.03 -5.55 -18.53
CA MET A 113 0.82 -6.67 -18.89
C MET A 113 0.35 -7.28 -20.20
N GLY A 114 -0.96 -7.34 -20.38
CA GLY A 114 -1.53 -7.65 -21.67
C GLY A 114 -1.41 -9.12 -21.99
N PHE A 115 -1.66 -9.96 -21.00
CA PHE A 115 -1.73 -11.38 -21.27
C PHE A 115 -3.01 -11.65 -22.04
N THR A 116 -2.86 -12.15 -23.26
CA THR A 116 -4.04 -12.45 -24.07
C THR A 116 -4.50 -13.83 -23.64
N TYR A 117 -5.32 -13.85 -22.59
CA TYR A 117 -5.76 -15.10 -21.99
C TYR A 117 -6.71 -15.82 -22.94
N ASN A 118 -6.51 -17.12 -23.11
CA ASN A 118 -7.18 -17.86 -24.16
C ASN A 118 -7.62 -19.23 -23.67
N GLY A 119 -8.92 -19.51 -23.81
CA GLY A 119 -9.48 -20.74 -23.30
C GLY A 119 -9.73 -20.53 -21.82
N ILE A 120 -10.43 -19.45 -21.50
CA ILE A 120 -10.28 -18.77 -20.22
C ILE A 120 -11.63 -18.15 -19.86
N ARG A 121 -11.74 -17.64 -18.64
CA ARG A 121 -12.64 -16.55 -18.37
C ARG A 121 -11.87 -15.44 -17.69
N THR A 122 -12.57 -14.34 -17.44
CA THR A 122 -11.91 -13.11 -17.03
C THR A 122 -12.59 -12.56 -15.78
N ASN A 123 -13.90 -12.73 -15.73
CA ASN A 123 -14.75 -12.11 -14.72
C ASN A 123 -15.10 -13.12 -13.62
N GLY A 124 -14.10 -13.46 -12.83
CA GLY A 124 -14.45 -14.17 -11.62
C GLY A 124 -14.95 -13.16 -10.64
N VAL A 125 -16.26 -13.14 -10.44
CA VAL A 125 -16.93 -12.18 -9.58
C VAL A 125 -17.59 -12.93 -8.44
N THR A 126 -17.70 -12.26 -7.29
CA THR A 126 -18.25 -12.87 -6.09
C THR A 126 -19.10 -11.84 -5.36
N SER A 127 -19.96 -12.33 -4.47
CA SER A 127 -21.00 -11.52 -3.86
C SER A 127 -20.53 -10.82 -2.58
N ALA A 128 -19.23 -10.60 -2.43
CA ALA A 128 -18.71 -9.82 -1.31
C ALA A 128 -17.84 -8.66 -1.78
N CYS A 129 -17.78 -8.42 -3.09
CA CYS A 129 -16.96 -7.36 -3.66
C CYS A 129 -17.84 -6.46 -4.52
N ARG A 130 -18.96 -6.00 -3.95
CA ARG A 130 -19.97 -5.30 -4.73
C ARG A 130 -19.57 -3.86 -5.03
N ARG A 131 -19.84 -3.45 -6.27
CA ARG A 131 -19.84 -2.05 -6.66
C ARG A 131 -21.24 -1.60 -7.09
N SER A 132 -21.82 -2.30 -8.05
CA SER A 132 -23.24 -2.27 -8.34
C SER A 132 -23.86 -3.65 -8.22
N GLY A 133 -23.22 -4.66 -8.79
CA GLY A 133 -23.64 -6.04 -8.63
C GLY A 133 -22.48 -6.95 -8.32
N SER A 134 -22.34 -8.03 -9.11
CA SER A 134 -21.24 -8.97 -8.94
C SER A 134 -19.96 -8.38 -9.51
N SER A 135 -19.07 -7.92 -8.64
CA SER A 135 -17.79 -7.38 -9.11
C SER A 135 -16.63 -8.07 -8.41
N PHE A 136 -15.43 -7.53 -8.58
CA PHE A 136 -14.22 -8.18 -8.10
C PHE A 136 -13.17 -7.08 -7.92
N TYR A 137 -11.96 -7.48 -7.52
CA TYR A 137 -10.77 -6.65 -7.69
C TYR A 137 -10.67 -6.12 -9.10
N ALA A 138 -10.27 -4.86 -9.23
CA ALA A 138 -10.20 -4.22 -10.54
C ALA A 138 -9.02 -4.73 -11.36
N GLU A 139 -8.01 -5.30 -10.70
CA GLU A 139 -6.73 -5.55 -11.35
C GLU A 139 -6.32 -7.02 -11.30
N MET A 140 -7.26 -7.93 -11.11
CA MET A 140 -6.98 -9.36 -11.16
C MET A 140 -8.14 -10.06 -11.83
N LYS A 141 -7.95 -11.35 -12.14
CA LYS A 141 -8.92 -12.12 -12.90
C LYS A 141 -8.94 -13.54 -12.37
N TRP A 142 -10.11 -14.06 -12.00
CA TRP A 142 -10.19 -15.51 -11.80
C TRP A 142 -10.12 -16.17 -13.16
N LEU A 143 -9.02 -16.81 -13.47
CA LEU A 143 -8.96 -17.53 -14.73
C LEU A 143 -9.64 -18.87 -14.50
N LEU A 144 -10.96 -18.91 -14.59
CA LEU A 144 -11.66 -20.16 -14.44
C LEU A 144 -12.11 -20.65 -15.80
N SER A 145 -12.48 -21.92 -15.83
CA SER A 145 -12.30 -22.74 -17.02
C SER A 145 -13.39 -22.49 -18.05
N ASN A 146 -13.29 -23.22 -19.16
CA ASN A 146 -14.27 -23.10 -20.24
C ASN A 146 -15.58 -23.78 -19.85
N THR A 147 -15.53 -25.08 -19.60
CA THR A 147 -16.70 -25.87 -19.28
C THR A 147 -16.51 -26.44 -17.88
N ASP A 148 -17.64 -26.74 -17.21
CA ASP A 148 -17.81 -26.84 -15.77
C ASP A 148 -16.83 -27.77 -15.07
N ASN A 149 -16.89 -29.07 -15.36
CA ASN A 149 -16.06 -30.06 -14.70
C ASN A 149 -15.04 -30.64 -15.68
N ALA A 150 -14.72 -29.90 -16.74
CA ALA A 150 -13.95 -30.51 -17.81
C ALA A 150 -12.47 -30.53 -17.51
N ALA A 151 -11.80 -29.37 -17.59
CA ALA A 151 -10.39 -29.15 -17.26
C ALA A 151 -10.00 -27.69 -17.46
N PHE A 152 -8.73 -27.39 -17.19
CA PHE A 152 -8.19 -26.05 -17.34
C PHE A 152 -6.70 -26.22 -17.58
N PRO A 153 -6.24 -26.15 -18.84
CA PRO A 153 -4.87 -26.57 -19.16
C PRO A 153 -3.79 -25.61 -18.70
N GLN A 154 -2.56 -25.91 -19.10
CA GLN A 154 -1.41 -25.12 -18.70
C GLN A 154 -1.35 -23.83 -19.51
N MET A 155 -1.06 -22.72 -18.83
CA MET A 155 -0.73 -21.45 -19.46
C MET A 155 0.65 -21.02 -19.00
N THR A 156 1.50 -20.66 -19.95
CA THR A 156 2.83 -20.12 -19.68
C THR A 156 2.83 -18.67 -20.14
N LYS A 157 2.95 -17.74 -19.18
CA LYS A 157 2.72 -16.34 -19.47
C LYS A 157 3.92 -15.52 -19.04
N SER A 158 4.48 -14.78 -19.97
CA SER A 158 5.71 -14.05 -19.72
C SER A 158 5.44 -12.55 -19.71
N TYR A 159 6.22 -11.84 -18.89
CA TYR A 159 6.19 -10.38 -18.84
C TYR A 159 7.61 -9.89 -18.64
N LYS A 160 8.18 -9.27 -19.67
CA LYS A 160 9.49 -8.66 -19.57
C LYS A 160 9.32 -7.24 -19.03
N ASN A 161 9.82 -6.99 -17.82
CA ASN A 161 10.03 -5.63 -17.37
C ASN A 161 10.92 -4.89 -18.36
N THR A 162 10.44 -3.74 -18.84
CA THR A 162 11.16 -2.97 -19.84
C THR A 162 11.36 -1.53 -19.42
N ARG A 163 11.40 -1.25 -18.12
CA ARG A 163 11.43 0.13 -17.64
C ARG A 163 12.67 0.36 -16.78
N GLU A 164 12.78 1.58 -16.28
CA GLU A 164 13.91 2.03 -15.48
C GLU A 164 13.81 1.65 -14.02
N SER A 165 12.71 1.02 -13.59
CA SER A 165 12.36 0.96 -12.19
C SER A 165 12.03 -0.45 -11.79
N PRO A 166 12.15 -0.79 -10.50
CA PRO A 166 11.72 -2.12 -10.03
C PRO A 166 10.21 -2.24 -9.93
N ALA A 167 9.67 -3.27 -10.55
CA ALA A 167 8.26 -3.61 -10.42
C ALA A 167 7.98 -4.22 -9.03
N ILE A 168 6.72 -4.14 -8.62
CA ILE A 168 6.23 -4.84 -7.42
C ILE A 168 5.00 -5.60 -7.88
N ILE A 169 5.18 -6.84 -8.31
CA ILE A 169 4.09 -7.62 -8.90
C ILE A 169 3.29 -8.22 -7.75
N VAL A 170 2.09 -8.75 -8.05
CA VAL A 170 1.31 -9.54 -7.12
C VAL A 170 0.54 -10.56 -7.97
N TRP A 171 0.22 -11.71 -7.37
CA TRP A 171 -0.49 -12.75 -8.10
C TRP A 171 -1.19 -13.62 -7.07
N GLY A 172 -2.24 -14.31 -7.51
CA GLY A 172 -3.09 -14.99 -6.55
C GLY A 172 -3.28 -16.49 -6.68
N ILE A 173 -3.19 -17.18 -5.54
CA ILE A 173 -3.58 -18.58 -5.42
C ILE A 173 -4.88 -18.62 -4.62
N HIS A 174 -5.76 -19.53 -5.00
CA HIS A 174 -7.13 -19.59 -4.52
C HIS A 174 -7.30 -20.76 -3.56
N HIS A 175 -7.39 -20.47 -2.27
CA HIS A 175 -7.60 -21.50 -1.24
C HIS A 175 -9.09 -21.73 -1.08
N SER A 176 -9.63 -22.68 -1.85
CA SER A 176 -11.07 -22.91 -1.86
C SER A 176 -11.52 -23.62 -0.58
N VAL A 177 -12.84 -23.79 -0.45
CA VAL A 177 -13.39 -24.48 0.71
C VAL A 177 -13.17 -25.98 0.62
N SER A 178 -13.33 -26.56 -0.56
CA SER A 178 -13.31 -28.02 -0.69
C SER A 178 -12.76 -28.38 -2.06
N THR A 179 -12.55 -29.68 -2.26
CA THR A 179 -12.18 -30.20 -3.57
C THR A 179 -13.41 -30.61 -4.39
N ALA A 180 -14.55 -30.01 -4.09
CA ALA A 180 -15.71 -30.06 -4.98
C ALA A 180 -15.98 -28.72 -5.64
N GLU A 181 -15.45 -27.62 -5.09
CA GLU A 181 -15.53 -26.34 -5.76
C GLU A 181 -14.42 -26.22 -6.81
N GLN A 182 -13.24 -26.76 -6.53
CA GLN A 182 -12.14 -26.76 -7.49
C GLN A 182 -12.22 -27.91 -8.48
N THR A 183 -13.37 -28.54 -8.62
CA THR A 183 -13.68 -29.32 -9.82
C THR A 183 -14.68 -28.62 -10.72
N LYS A 184 -15.46 -27.69 -10.18
CA LYS A 184 -16.38 -26.89 -10.99
C LYS A 184 -15.82 -25.52 -11.33
N LEU A 185 -14.93 -24.97 -10.51
CA LEU A 185 -14.22 -23.76 -10.89
C LEU A 185 -13.16 -24.04 -11.96
N TYR A 186 -12.28 -25.00 -11.72
CA TYR A 186 -11.13 -25.20 -12.60
C TYR A 186 -11.17 -26.54 -13.32
N GLY A 187 -11.26 -27.64 -12.61
CA GLY A 187 -11.24 -28.95 -13.24
C GLY A 187 -10.54 -29.97 -12.37
N SER A 188 -10.69 -31.23 -12.75
CA SER A 188 -10.11 -32.33 -12.00
C SER A 188 -8.59 -32.33 -12.09
N GLY A 189 -7.96 -32.90 -11.08
CA GLY A 189 -6.51 -33.04 -11.03
C GLY A 189 -5.87 -32.07 -10.06
N ASN A 190 -4.57 -32.27 -9.87
CA ASN A 190 -3.79 -31.41 -8.97
C ASN A 190 -3.58 -30.05 -9.63
N LYS A 191 -3.35 -29.04 -8.80
CA LYS A 191 -3.22 -27.67 -9.26
C LYS A 191 -1.83 -27.15 -8.94
N LEU A 192 -1.16 -26.64 -9.98
CA LEU A 192 0.16 -26.04 -9.87
C LEU A 192 0.12 -24.63 -10.42
N VAL A 193 0.61 -23.67 -9.63
CA VAL A 193 1.03 -22.38 -10.15
C VAL A 193 2.52 -22.24 -9.89
N THR A 194 3.28 -22.10 -10.97
CA THR A 194 4.72 -22.05 -10.94
C THR A 194 5.16 -20.64 -11.29
N VAL A 195 5.81 -19.96 -10.35
CA VAL A 195 6.27 -18.60 -10.59
C VAL A 195 7.80 -18.63 -10.60
N GLY A 196 8.38 -18.80 -11.79
CA GLY A 196 9.82 -18.81 -11.91
C GLY A 196 10.38 -17.64 -12.69
N SER A 197 10.98 -16.70 -12.00
CA SER A 197 11.68 -15.58 -12.61
C SER A 197 13.13 -15.99 -12.85
N SER A 198 14.01 -15.02 -13.11
CA SER A 198 15.43 -15.32 -13.17
C SER A 198 15.98 -15.65 -11.78
N ASN A 199 15.49 -14.96 -10.73
CA ASN A 199 15.90 -15.27 -9.37
C ASN A 199 15.05 -16.34 -8.71
N TYR A 200 13.72 -16.25 -8.79
CA TYR A 200 12.86 -17.11 -7.99
C TYR A 200 12.57 -18.45 -8.65
N GLN A 201 12.05 -19.36 -7.82
CA GLN A 201 11.37 -20.59 -8.24
C GLN A 201 10.57 -21.04 -7.04
N GLN A 202 9.23 -21.04 -7.14
CA GLN A 202 8.45 -21.27 -5.91
C GLN A 202 7.45 -22.42 -6.02
N SER A 203 6.71 -22.53 -7.13
CA SER A 203 5.79 -23.62 -7.44
C SER A 203 4.71 -23.81 -6.36
N PHE A 204 3.83 -22.82 -6.26
CA PHE A 204 2.81 -22.77 -5.21
C PHE A 204 1.70 -23.80 -5.45
N VAL A 205 0.90 -24.00 -4.40
CA VAL A 205 -0.13 -25.04 -4.33
C VAL A 205 -1.16 -24.59 -3.28
N PRO A 206 -2.48 -24.82 -3.50
CA PRO A 206 -3.48 -24.30 -2.55
C PRO A 206 -3.80 -25.22 -1.37
N SER A 207 -4.72 -24.77 -0.51
CA SER A 207 -5.10 -25.48 0.71
C SER A 207 -6.62 -25.62 0.78
N PRO A 208 -7.19 -26.56 0.02
CA PRO A 208 -8.66 -26.65 -0.10
C PRO A 208 -9.33 -27.27 1.11
N GLY A 209 -9.27 -26.57 2.25
CA GLY A 209 -9.86 -27.04 3.47
C GLY A 209 -10.90 -26.06 4.00
N ALA A 210 -11.83 -26.60 4.79
CA ALA A 210 -12.92 -25.81 5.36
C ALA A 210 -12.41 -24.95 6.51
N ARG A 211 -13.15 -23.90 6.80
CA ARG A 211 -12.80 -22.97 7.87
C ARG A 211 -14.09 -22.29 8.33
N PRO A 212 -14.15 -21.83 9.59
CA PRO A 212 -15.15 -20.82 9.96
C PRO A 212 -15.13 -19.59 9.08
N GLN A 213 -16.29 -18.92 8.99
CA GLN A 213 -16.53 -17.96 7.94
C GLN A 213 -16.19 -16.55 8.37
N VAL A 214 -15.46 -15.85 7.51
CA VAL A 214 -15.43 -14.39 7.53
C VAL A 214 -16.50 -13.93 6.55
N ASN A 215 -17.59 -13.37 7.10
CA ASN A 215 -18.77 -12.76 6.50
C ASN A 215 -19.26 -13.34 5.16
N GLY A 216 -19.47 -14.65 5.12
CA GLY A 216 -20.26 -15.22 4.05
C GLY A 216 -19.73 -16.44 3.33
N LEU A 217 -18.41 -16.62 3.30
CA LEU A 217 -17.79 -17.67 2.50
C LEU A 217 -16.79 -18.46 3.34
N SER A 218 -16.65 -19.74 3.00
CA SER A 218 -15.69 -20.62 3.66
C SER A 218 -14.47 -20.91 2.79
N GLY A 219 -14.37 -20.28 1.63
CA GLY A 219 -13.14 -20.29 0.86
C GLY A 219 -12.35 -19.01 1.12
N ARG A 220 -11.03 -19.14 1.15
CA ARG A 220 -10.15 -18.01 1.36
C ARG A 220 -9.44 -17.68 0.05
N ILE A 221 -8.68 -16.58 0.06
CA ILE A 221 -7.49 -16.44 -0.77
C ILE A 221 -6.42 -15.79 0.10
N ASP A 222 -5.18 -16.19 -0.13
CA ASP A 222 -4.01 -15.52 0.39
C ASP A 222 -3.02 -15.48 -0.76
N PHE A 223 -2.28 -14.38 -0.90
CA PHE A 223 -1.52 -14.27 -2.13
C PHE A 223 -0.26 -13.43 -2.00
N HIS A 224 0.64 -13.66 -2.96
CA HIS A 224 2.09 -13.54 -2.87
C HIS A 224 2.60 -12.45 -3.80
N TRP A 225 3.88 -12.13 -3.70
CA TRP A 225 4.43 -10.99 -4.42
C TRP A 225 5.95 -11.11 -4.54
N LEU A 226 6.48 -10.75 -5.72
CA LEU A 226 7.93 -10.63 -5.91
C LEU A 226 8.29 -9.18 -6.29
N ILE A 227 9.58 -8.97 -6.57
CA ILE A 227 10.09 -7.70 -7.05
C ILE A 227 10.99 -7.97 -8.24
N LEU A 228 10.74 -7.29 -9.35
CA LEU A 228 11.61 -7.36 -10.51
C LEU A 228 12.66 -6.25 -10.49
N ASN A 229 13.70 -6.47 -11.29
CA ASN A 229 14.75 -5.52 -11.62
C ASN A 229 14.68 -5.25 -13.12
N PRO A 230 15.23 -4.12 -13.61
CA PRO A 230 15.12 -3.79 -15.03
C PRO A 230 15.70 -4.84 -15.97
N ASN A 231 14.99 -5.07 -17.07
CA ASN A 231 15.23 -6.06 -18.13
C ASN A 231 15.10 -7.49 -17.65
N ASP A 232 14.37 -7.74 -16.56
CA ASP A 232 14.11 -9.11 -16.14
C ASP A 232 12.95 -9.72 -16.90
N THR A 233 12.47 -10.86 -16.43
CA THR A 233 11.20 -11.41 -16.90
C THR A 233 10.57 -12.16 -15.73
N VAL A 234 9.27 -12.40 -15.83
CA VAL A 234 8.55 -13.31 -14.94
C VAL A 234 7.68 -14.21 -15.79
N THR A 235 7.87 -15.52 -15.65
CA THR A 235 6.96 -16.47 -16.23
C THR A 235 5.94 -16.90 -15.17
N PHE A 236 4.70 -17.07 -15.60
CA PHE A 236 3.65 -17.65 -14.74
C PHE A 236 3.16 -18.91 -15.43
N SER A 237 3.66 -20.06 -14.98
CA SER A 237 3.13 -21.34 -15.40
C SER A 237 2.05 -21.76 -14.41
N PHE A 238 0.85 -22.06 -14.93
CA PHE A 238 -0.29 -22.34 -14.07
C PHE A 238 -1.35 -23.09 -14.85
N ASN A 239 -1.94 -24.10 -14.22
CA ASN A 239 -3.02 -24.88 -14.82
C ASN A 239 -4.24 -24.91 -13.91
N GLY A 240 -4.45 -23.86 -13.15
CA GLY A 240 -5.60 -23.78 -12.27
C GLY A 240 -5.30 -22.91 -11.07
N ALA A 241 -6.38 -22.53 -10.38
CA ALA A 241 -6.37 -21.87 -9.07
C ALA A 241 -5.56 -20.57 -9.05
N PHE A 242 -5.41 -19.91 -10.19
CA PHE A 242 -4.50 -18.78 -10.29
C PHE A 242 -5.26 -17.49 -10.57
N ILE A 243 -4.93 -16.45 -9.81
CA ILE A 243 -5.57 -15.15 -9.95
C ILE A 243 -4.51 -14.21 -10.48
N ALA A 244 -4.37 -14.13 -11.82
CA ALA A 244 -3.29 -13.38 -12.44
C ALA A 244 -3.46 -11.88 -12.21
N PRO A 245 -2.38 -11.12 -12.33
CA PRO A 245 -2.53 -9.67 -12.44
C PRO A 245 -2.82 -9.29 -13.89
N ASP A 246 -3.26 -8.06 -14.05
CA ASP A 246 -3.43 -7.45 -15.36
C ASP A 246 -2.78 -6.09 -15.42
N ARG A 247 -2.35 -5.56 -14.28
CA ARG A 247 -1.71 -4.25 -14.17
C ARG A 247 -0.47 -4.45 -13.31
N ALA A 248 0.68 -4.68 -13.93
CA ALA A 248 1.94 -4.71 -13.20
C ALA A 248 2.21 -3.35 -12.58
N SER A 249 2.74 -3.37 -11.37
CA SER A 249 2.79 -2.20 -10.54
C SER A 249 4.21 -1.67 -10.49
N PHE A 250 4.34 -0.36 -10.42
CA PHE A 250 5.64 0.27 -10.33
C PHE A 250 5.64 1.20 -9.12
N LEU A 251 6.70 1.96 -8.97
CA LEU A 251 6.91 2.76 -7.77
C LEU A 251 7.02 4.21 -8.18
N ARG A 252 7.13 5.11 -7.20
CA ARG A 252 7.15 6.53 -7.50
C ARG A 252 8.24 7.30 -6.75
N GLY A 253 8.81 6.77 -5.69
CA GLY A 253 9.89 7.45 -5.02
C GLY A 253 9.73 7.56 -3.52
N LYS A 254 9.65 8.80 -3.03
CA LYS A 254 9.64 9.07 -1.60
C LYS A 254 8.21 9.17 -1.08
N SER A 255 7.99 8.63 0.11
CA SER A 255 6.80 8.81 0.93
C SER A 255 7.11 8.29 2.32
N MET A 256 6.09 8.32 3.19
CA MET A 256 6.08 7.55 4.42
C MET A 256 4.68 6.97 4.57
N GLY A 257 4.46 6.23 5.64
CA GLY A 257 3.16 5.61 5.81
C GLY A 257 2.77 5.29 7.23
N ILE A 258 1.58 5.70 7.64
CA ILE A 258 1.17 5.66 9.03
C ILE A 258 -0.15 4.91 9.17
N GLN A 259 -0.24 4.09 10.20
CA GLN A 259 -1.51 3.55 10.68
C GLN A 259 -2.03 4.48 11.76
N SER A 260 -3.30 4.87 11.66
CA SER A 260 -3.89 5.81 12.60
C SER A 260 -5.40 5.62 12.61
N GLY A 261 -6.06 6.38 13.49
CA GLY A 261 -7.51 6.32 13.62
C GLY A 261 -8.20 7.66 13.76
N VAL A 262 -7.45 8.76 13.64
CA VAL A 262 -8.05 10.10 13.75
C VAL A 262 -8.00 10.78 12.39
N GLN A 263 -8.60 11.97 12.31
CA GLN A 263 -8.95 12.59 11.04
C GLN A 263 -7.78 13.39 10.46
N VAL A 264 -8.00 13.91 9.25
CA VAL A 264 -6.96 14.51 8.42
C VAL A 264 -7.05 16.02 8.51
N ASP A 265 -5.94 16.67 8.84
CA ASP A 265 -5.85 18.12 8.89
C ASP A 265 -4.92 18.57 7.76
N ALA A 266 -5.50 19.01 6.65
CA ALA A 266 -4.74 19.46 5.49
C ALA A 266 -4.26 20.90 5.62
N ASN A 267 -4.55 21.57 6.72
CA ASN A 267 -4.15 22.95 6.93
C ASN A 267 -2.96 23.11 7.87
N CYS A 268 -2.73 22.13 8.74
CA CYS A 268 -1.59 22.09 9.64
C CYS A 268 -0.47 21.27 9.01
N GLU A 269 0.77 21.56 9.40
CA GLU A 269 1.94 20.86 8.88
C GLU A 269 2.67 20.16 10.01
N GLY A 270 3.23 19.00 9.71
CA GLY A 270 3.95 18.22 10.70
C GLY A 270 4.70 17.09 10.05
N ASP A 271 5.52 16.41 10.85
CA ASP A 271 6.33 15.32 10.34
C ASP A 271 6.47 14.13 11.28
N CYS A 272 5.80 14.13 12.44
CA CYS A 272 5.91 13.05 13.43
C CYS A 272 4.52 12.48 13.67
N TYR A 273 4.19 11.42 12.93
CA TYR A 273 2.83 10.95 12.79
C TYR A 273 2.69 9.55 13.40
N HIS A 274 2.24 9.48 14.65
CA HIS A 274 1.90 8.19 15.23
C HIS A 274 0.41 7.91 15.05
N SER A 275 -0.13 6.90 15.75
CA SER A 275 -1.49 6.43 15.50
C SER A 275 -2.57 7.28 16.13
N GLY A 276 -2.21 8.18 17.05
CA GLY A 276 -3.19 9.01 17.72
C GLY A 276 -2.92 10.48 17.56
N GLY A 277 -2.48 10.88 16.37
CA GLY A 277 -2.29 12.29 16.06
C GLY A 277 -0.95 12.64 15.44
N THR A 278 -0.34 13.71 15.94
CA THR A 278 0.88 14.27 15.39
C THR A 278 1.61 15.01 16.49
N ILE A 279 2.88 14.69 16.69
CA ILE A 279 3.69 15.32 17.72
C ILE A 279 4.43 16.48 17.09
N ILE A 280 3.97 17.70 17.37
CA ILE A 280 4.59 18.91 16.84
C ILE A 280 5.14 19.72 18.00
N SER A 281 6.45 19.61 18.21
CA SER A 281 7.24 20.57 18.96
C SER A 281 8.70 20.38 18.56
N ASN A 282 9.58 21.14 19.23
CA ASN A 282 11.01 21.09 18.97
C ASN A 282 11.76 20.25 20.01
N LEU A 283 11.04 19.39 20.72
CA LEU A 283 11.48 18.71 21.93
C LEU A 283 11.94 17.30 21.63
N PRO A 284 13.07 16.85 22.21
CA PRO A 284 13.73 15.63 21.73
C PRO A 284 13.12 14.33 22.22
N PHE A 285 12.22 14.34 23.21
CA PHE A 285 11.66 13.10 23.73
C PHE A 285 10.14 13.19 23.79
N GLN A 286 9.48 12.05 23.65
CA GLN A 286 8.03 11.97 23.75
C GLN A 286 7.61 10.73 24.52
N ASN A 287 6.58 10.90 25.37
CA ASN A 287 6.01 9.76 26.08
C ASN A 287 4.59 9.56 25.58
N ILE A 288 4.39 9.64 24.28
CA ILE A 288 3.07 9.52 23.69
C ILE A 288 2.88 8.16 23.03
N ASP A 289 3.82 7.75 22.19
CA ASP A 289 3.72 6.44 21.56
C ASP A 289 5.12 5.97 21.19
N SER A 290 5.42 4.71 21.50
CA SER A 290 6.71 4.10 21.21
C SER A 290 6.81 3.58 19.79
N ARG A 291 5.83 3.87 18.95
CA ARG A 291 5.85 3.47 17.55
C ARG A 291 5.65 4.70 16.66
N ALA A 292 6.14 5.84 17.13
CA ALA A 292 5.96 7.14 16.47
C ALA A 292 6.87 7.22 15.25
N VAL A 293 6.33 6.85 14.09
CA VAL A 293 7.11 6.81 12.86
C VAL A 293 7.16 8.19 12.21
N GLY A 294 8.06 8.36 11.26
CA GLY A 294 8.31 9.65 10.66
C GLY A 294 9.62 10.23 11.14
N LYS A 295 9.75 11.55 11.13
CA LYS A 295 10.97 12.19 11.61
C LYS A 295 10.76 12.65 13.06
N CYS A 296 10.55 11.67 13.92
CA CYS A 296 10.01 11.87 15.26
C CYS A 296 11.10 12.15 16.28
N PRO A 297 10.71 12.59 17.48
CA PRO A 297 11.61 12.51 18.64
C PRO A 297 11.66 11.08 19.19
N ARG A 298 12.54 10.89 20.17
CA ARG A 298 12.88 9.56 20.66
C ARG A 298 12.04 9.21 21.88
N TYR A 299 11.40 8.04 21.84
CA TYR A 299 10.49 7.62 22.91
C TYR A 299 11.23 7.35 24.21
N VAL A 300 10.65 7.84 25.31
CA VAL A 300 11.11 7.49 26.65
C VAL A 300 9.92 7.03 27.47
N LYS A 301 10.16 6.71 28.75
CA LYS A 301 9.11 6.31 29.66
C LYS A 301 8.90 7.28 30.81
N GLN A 302 9.86 8.15 31.10
CA GLN A 302 9.63 9.22 32.05
C GLN A 302 8.73 10.27 31.41
N ARG A 303 7.53 10.46 31.97
CA ARG A 303 6.60 11.43 31.41
C ARG A 303 7.06 12.87 31.65
N SER A 304 7.82 13.11 32.72
CA SER A 304 8.29 14.45 33.04
C SER A 304 9.79 14.41 33.21
N LEU A 305 10.52 14.92 32.22
CA LEU A 305 11.96 15.13 32.31
C LEU A 305 12.20 16.63 32.25
N LEU A 306 12.13 17.25 33.42
CA LEU A 306 12.21 18.70 33.53
C LEU A 306 13.68 19.13 33.50
N LEU A 307 14.01 20.03 32.59
CA LEU A 307 15.38 20.44 32.34
C LEU A 307 15.54 21.90 32.74
N ALA A 308 16.52 22.15 33.61
CA ALA A 308 16.57 23.31 34.48
C ALA A 308 16.97 24.55 33.72
N THR A 309 16.03 25.10 32.97
CA THR A 309 16.26 26.27 32.11
C THR A 309 16.45 27.55 32.94
N GLY A 310 16.38 27.45 34.27
CA GLY A 310 16.86 28.51 35.12
C GLY A 310 17.69 27.98 36.27
N MET A 311 18.07 28.89 37.16
CA MET A 311 18.92 28.57 38.31
C MET A 311 18.10 28.05 39.49
N LYS A 312 18.75 27.99 40.65
CA LYS A 312 18.14 27.52 41.89
C LYS A 312 17.19 28.58 42.45
N ASN A 313 16.09 28.12 43.05
CA ASN A 313 15.35 28.92 44.01
C ASN A 313 15.92 28.69 45.40
N VAL A 314 16.31 29.77 46.06
CA VAL A 314 16.49 29.75 47.52
C VAL A 314 15.59 30.86 48.05
N PRO A 315 14.30 30.59 48.24
CA PRO A 315 13.36 31.66 48.58
C PRO A 315 13.53 32.13 50.03
N GLU A 316 12.94 33.28 50.31
CA GLU A 316 12.97 33.85 51.65
C GLU A 316 12.06 33.06 52.60
N LEU A 327 28.30 23.44 42.33
CA LEU A 327 29.55 22.73 42.51
C LEU A 327 30.64 23.77 42.75
N PHE A 328 30.19 25.01 42.92
CA PHE A 328 31.02 26.16 43.24
C PHE A 328 30.66 26.82 44.57
N GLY A 329 29.40 26.76 44.97
CA GLY A 329 29.04 27.14 46.32
C GLY A 329 28.56 28.56 46.51
N ALA A 330 27.85 29.12 45.53
CA ALA A 330 27.18 30.40 45.74
C ALA A 330 25.71 30.27 45.36
N ILE A 331 25.43 29.40 44.40
CA ILE A 331 24.09 28.83 44.23
C ILE A 331 23.93 27.76 45.30
N ALA A 332 22.99 27.99 46.24
CA ALA A 332 22.85 27.27 47.50
C ALA A 332 24.18 27.19 48.25
N GLY A 333 24.70 28.37 48.55
CA GLY A 333 26.02 28.50 49.15
C GLY A 333 26.06 29.67 50.10
N PHE A 334 27.18 30.40 50.09
CA PHE A 334 27.33 31.55 50.98
C PHE A 334 26.41 32.69 50.57
N ILE A 335 26.08 32.82 49.29
CA ILE A 335 24.95 33.63 48.86
C ILE A 335 23.71 32.83 49.24
N GLU A 336 23.08 33.22 50.35
CA GLU A 336 22.16 32.36 51.09
C GLU A 336 20.70 32.56 50.70
N ASN A 337 20.40 33.49 49.80
CA ASN A 337 19.01 33.85 49.54
C ASN A 337 18.84 34.26 48.09
N GLY A 338 17.77 33.76 47.46
CA GLY A 338 17.33 34.29 46.18
C GLY A 338 16.56 35.57 46.35
N TRP A 339 16.22 36.18 45.23
CA TRP A 339 15.50 37.45 45.22
C TRP A 339 14.25 37.34 44.39
N GLU A 340 13.15 37.90 44.88
CA GLU A 340 11.87 37.82 44.19
C GLU A 340 11.68 38.97 43.20
N GLY A 341 12.36 40.09 43.41
CA GLY A 341 12.09 41.29 42.65
C GLY A 341 13.05 41.58 41.52
N LEU A 342 13.46 40.56 40.77
CA LEU A 342 14.22 40.74 39.54
C LEU A 342 13.55 39.96 38.44
N ILE A 343 13.12 40.65 37.39
CA ILE A 343 12.47 40.02 36.24
C ILE A 343 13.17 40.43 34.95
N ASP A 344 14.06 41.41 35.05
CA ASP A 344 14.76 41.88 33.84
C ASP A 344 15.97 41.00 33.52
N GLY A 345 16.80 40.70 34.53
CA GLY A 345 17.92 39.81 34.36
C GLY A 345 17.79 38.55 35.20
N TRP A 346 18.79 37.68 35.04
CA TRP A 346 18.98 36.56 35.96
C TRP A 346 19.78 36.97 37.17
N TYR A 347 20.99 37.44 36.95
CA TYR A 347 21.85 37.88 38.04
C TYR A 347 21.58 39.35 38.28
N GLY A 348 21.97 39.83 39.44
CA GLY A 348 21.57 41.18 39.76
C GLY A 348 22.48 41.82 40.76
N PHE A 349 21.95 42.86 41.40
CA PHE A 349 22.65 43.60 42.43
C PHE A 349 21.62 44.11 43.43
N ARG A 350 22.14 44.68 44.51
CA ARG A 350 21.38 45.38 45.52
C ARG A 350 22.39 46.20 46.30
N HIS A 351 22.01 47.42 46.67
CA HIS A 351 22.99 48.32 47.24
C HIS A 351 22.36 49.15 48.35
N GLN A 352 23.22 49.72 49.17
CA GLN A 352 22.81 50.54 50.30
C GLN A 352 23.78 51.70 50.42
N ASN A 353 23.25 52.92 50.36
CA ASN A 353 24.05 54.12 50.59
C ASN A 353 23.13 55.23 51.08
N ALA A 354 23.68 56.43 51.23
CA ALA A 354 22.93 57.54 51.80
C ALA A 354 21.86 58.08 50.87
N GLN A 355 21.90 57.75 49.58
CA GLN A 355 20.88 58.25 48.66
C GLN A 355 19.68 57.32 48.59
N GLY A 356 19.87 56.02 48.82
CA GLY A 356 18.75 55.10 48.80
C GLY A 356 19.21 53.67 48.74
N GLU A 357 18.28 52.81 48.30
CA GLU A 357 18.52 51.38 48.13
C GLU A 357 17.81 50.95 46.84
N GLY A 358 17.63 49.65 46.67
CA GLY A 358 16.92 49.15 45.51
C GLY A 358 17.69 48.20 44.64
N THR A 359 16.99 47.22 44.07
CA THR A 359 17.61 46.09 43.36
C THR A 359 18.00 46.55 41.96
N ALA A 360 19.31 46.54 41.68
CA ALA A 360 19.82 46.83 40.35
C ALA A 360 19.83 45.56 39.52
N ALA A 361 20.37 45.63 38.30
CA ALA A 361 20.60 44.46 37.47
C ALA A 361 21.74 44.79 36.51
N ASP A 362 22.25 43.75 35.85
CA ASP A 362 23.43 43.90 35.01
C ASP A 362 23.30 43.03 33.77
N TYR A 363 23.70 43.58 32.63
CA TYR A 363 23.45 43.01 31.32
C TYR A 363 24.46 41.95 30.90
N LYS A 364 25.69 42.05 31.40
CA LYS A 364 26.83 41.37 30.77
C LYS A 364 26.79 39.86 31.00
N SER A 365 26.87 39.44 32.25
CA SER A 365 26.91 38.01 32.57
C SER A 365 25.52 37.38 32.58
N THR A 366 24.48 38.20 32.65
CA THR A 366 23.11 37.71 32.47
C THR A 366 22.91 37.10 31.09
N GLN A 367 23.15 37.89 30.04
CA GLN A 367 22.98 37.41 28.68
C GLN A 367 23.97 36.33 28.32
N SER A 368 25.16 36.36 28.92
CA SER A 368 26.10 35.26 28.79
C SER A 368 25.50 33.97 29.35
N ALA A 369 24.85 34.06 30.51
CA ALA A 369 24.21 32.89 31.11
C ALA A 369 23.04 32.39 30.28
N ILE A 370 22.22 33.32 29.76
CA ILE A 370 21.05 32.92 28.99
C ILE A 370 21.46 32.36 27.63
N ASP A 371 22.58 32.81 27.07
CA ASP A 371 22.98 32.31 25.75
C ASP A 371 23.61 30.92 25.84
N GLN A 372 24.35 30.64 26.93
CA GLN A 372 24.94 29.31 27.12
C GLN A 372 23.87 28.24 27.27
N ILE A 373 22.78 28.55 27.98
CA ILE A 373 21.70 27.59 28.10
C ILE A 373 20.86 27.56 26.81
N THR A 374 20.75 28.68 26.10
CA THR A 374 20.07 28.69 24.80
C THR A 374 20.84 27.88 23.77
N GLY A 375 22.18 27.99 23.79
CA GLY A 375 22.99 27.07 23.02
C GLY A 375 22.83 25.64 23.48
N LYS A 376 22.78 25.44 24.81
CA LYS A 376 22.49 24.11 25.35
C LYS A 376 21.08 23.67 24.98
N LEU A 377 20.12 24.61 24.94
CA LEU A 377 18.82 24.32 24.34
C LEU A 377 18.97 23.93 22.88
N ASN A 378 19.42 24.87 22.02
CA ASN A 378 19.39 24.65 20.56
C ASN A 378 20.25 23.49 20.08
N ARG A 379 21.27 23.08 20.86
CA ARG A 379 21.93 21.81 20.58
C ARG A 379 21.02 20.63 20.86
N LEU A 380 20.27 20.70 21.96
CA LEU A 380 19.41 19.61 22.39
C LEU A 380 17.98 19.79 21.88
N ILE A 381 17.44 21.00 21.98
CA ILE A 381 16.17 21.35 21.34
C ILE A 381 16.51 21.45 19.86
N ALA A 382 16.25 20.37 19.14
CA ALA A 382 16.72 20.17 17.78
C ALA A 382 15.98 18.96 17.22
N LYS A 383 16.29 18.62 15.97
CA LYS A 383 15.60 17.58 15.25
C LYS A 383 16.52 16.40 15.03
N THR A 384 16.02 15.19 15.31
CA THR A 384 16.65 13.98 14.81
C THR A 384 16.36 13.89 13.32
N ASN A 385 17.38 14.10 12.48
CA ASN A 385 17.17 14.19 11.04
C ASN A 385 16.84 12.84 10.41
N GLN A 386 17.13 11.74 11.10
CA GLN A 386 16.93 10.41 10.54
C GLN A 386 15.47 9.99 10.67
N GLN A 387 14.92 9.49 9.58
CA GLN A 387 13.54 9.04 9.53
C GLN A 387 13.45 7.57 9.91
N PHE A 388 12.64 7.28 10.92
CA PHE A 388 12.45 5.91 11.39
C PHE A 388 11.16 5.36 10.80
N LYS A 389 11.27 4.21 10.15
CA LYS A 389 10.15 3.61 9.42
C LYS A 389 9.25 2.85 10.39
N LEU A 390 8.31 2.09 9.84
CA LEU A 390 7.37 1.31 10.62
C LEU A 390 7.72 -0.16 10.43
N ILE A 391 8.27 -0.77 11.48
CA ILE A 391 8.90 -2.08 11.38
C ILE A 391 7.98 -3.18 11.91
N ASP A 392 7.04 -2.81 12.76
CA ASP A 392 6.05 -3.77 13.27
C ASP A 392 4.64 -3.21 13.13
N ASN A 393 3.69 -4.13 13.08
CA ASN A 393 2.30 -3.84 12.76
C ASN A 393 1.57 -3.35 14.01
N GLU A 394 0.33 -2.89 13.83
CA GLU A 394 -0.54 -2.49 14.92
C GLU A 394 -1.90 -3.15 14.86
N PHE A 395 -2.35 -3.59 13.68
CA PHE A 395 -3.73 -4.02 13.52
C PHE A 395 -3.87 -5.52 13.33
N ASN A 396 -2.86 -6.22 12.81
CA ASN A 396 -2.99 -7.66 12.59
C ASN A 396 -1.63 -8.35 12.51
N GLU A 397 -1.34 -9.18 13.54
CA GLU A 397 -0.61 -10.44 13.46
C GLU A 397 0.83 -10.28 12.93
N VAL A 398 1.66 -9.68 13.77
CA VAL A 398 3.11 -9.75 13.55
C VAL A 398 3.61 -11.11 14.03
N GLU A 399 4.74 -11.55 13.48
CA GLU A 399 5.28 -12.87 13.80
C GLU A 399 5.77 -12.92 15.25
N LYS A 400 5.54 -14.08 15.88
CA LYS A 400 5.65 -14.22 17.32
C LYS A 400 7.09 -14.07 17.79
N GLN A 401 8.04 -14.66 17.07
CA GLN A 401 9.42 -14.58 17.52
C GLN A 401 10.02 -13.23 17.22
N ILE A 402 9.89 -12.74 15.98
CA ILE A 402 10.50 -11.47 15.61
C ILE A 402 9.77 -10.30 16.26
N GLY A 403 8.50 -10.47 16.63
CA GLY A 403 7.83 -9.46 17.44
C GLY A 403 8.41 -9.40 18.84
N ASN A 404 8.77 -10.56 19.39
CA ASN A 404 9.48 -10.59 20.66
C ASN A 404 10.89 -10.04 20.49
N VAL A 405 11.52 -10.29 19.34
CA VAL A 405 12.84 -9.73 19.05
C VAL A 405 12.78 -8.21 18.95
N ILE A 406 11.79 -7.69 18.20
CA ILE A 406 11.58 -6.25 18.09
C ILE A 406 11.25 -5.64 19.45
N ASN A 407 10.36 -6.30 20.21
CA ASN A 407 10.10 -5.85 21.58
C ASN A 407 11.31 -6.01 22.49
N TRP A 408 12.12 -7.05 22.29
CA TRP A 408 13.39 -7.09 23.01
C TRP A 408 14.28 -5.95 22.55
N THR A 409 14.29 -5.66 21.26
CA THR A 409 15.14 -4.61 20.72
C THR A 409 14.62 -3.24 21.10
N ARG A 410 13.32 -2.99 20.90
CA ARG A 410 12.74 -1.68 21.18
C ARG A 410 12.83 -1.33 22.66
N ASP A 411 12.46 -2.27 23.54
CA ASP A 411 12.54 -2.02 24.98
C ASP A 411 13.98 -1.91 25.45
N SER A 412 14.92 -2.56 24.75
CA SER A 412 16.33 -2.26 24.99
C SER A 412 16.65 -0.84 24.57
N ILE A 413 16.30 -0.49 23.33
CA ILE A 413 16.47 0.87 22.81
C ILE A 413 15.67 1.88 23.64
N THR A 414 14.48 1.49 24.10
CA THR A 414 13.75 2.32 25.06
C THR A 414 14.51 2.46 26.36
N GLU A 415 15.05 1.35 26.87
CA GLU A 415 15.91 1.44 28.04
C GLU A 415 17.25 2.09 27.71
N VAL A 416 17.71 2.04 26.45
CA VAL A 416 18.90 2.80 26.07
C VAL A 416 18.62 4.29 26.13
N TRP A 417 17.55 4.74 25.46
CA TRP A 417 17.33 6.18 25.35
C TRP A 417 16.82 6.77 26.65
N SER A 418 15.94 6.06 27.36
CA SER A 418 15.41 6.60 28.61
C SER A 418 16.47 6.65 29.70
N TYR A 419 17.38 5.66 29.74
CA TYR A 419 18.58 5.83 30.56
C TYR A 419 19.40 7.01 30.08
N ASN A 420 19.56 7.14 28.75
CA ASN A 420 20.27 8.29 28.20
C ASN A 420 19.54 9.59 28.51
N ALA A 421 18.21 9.63 28.30
CA ALA A 421 17.43 10.83 28.58
C ALA A 421 17.45 11.20 30.05
N GLU A 422 17.32 10.21 30.94
CA GLU A 422 17.44 10.49 32.36
C GLU A 422 18.86 10.91 32.72
N LEU A 423 19.87 10.25 32.13
CA LEU A 423 21.24 10.65 32.42
C LEU A 423 21.59 11.99 31.81
N LEU A 424 21.16 12.23 30.55
CA LEU A 424 21.45 13.49 29.87
C LEU A 424 20.90 14.68 30.64
N VAL A 425 19.61 14.65 30.96
CA VAL A 425 18.96 15.76 31.64
C VAL A 425 19.58 15.99 33.02
N ALA A 426 19.81 14.90 33.78
CA ALA A 426 20.48 14.99 35.07
C ALA A 426 21.93 15.44 34.92
N MET A 427 22.60 15.03 33.85
CA MET A 427 23.90 15.61 33.56
C MET A 427 23.76 17.07 33.18
N GLU A 428 22.78 17.41 32.34
CA GLU A 428 22.61 18.80 31.94
C GLU A 428 22.09 19.66 33.08
N ASN A 429 21.23 19.10 33.95
CA ASN A 429 20.79 19.84 35.14
C ASN A 429 21.97 20.18 36.04
N GLN A 430 22.79 19.16 36.35
CA GLN A 430 23.98 19.38 37.15
C GLN A 430 24.94 20.32 36.44
N HIS A 431 25.00 20.23 35.10
CA HIS A 431 25.84 21.16 34.34
C HIS A 431 25.22 22.55 34.30
N THR A 432 23.89 22.65 34.22
CA THR A 432 23.26 23.98 34.19
C THR A 432 23.41 24.70 35.51
N ILE A 433 23.26 23.97 36.61
CA ILE A 433 23.53 24.52 37.93
C ILE A 433 25.04 24.74 38.11
N ASP A 434 25.87 23.94 37.41
CA ASP A 434 27.29 24.25 37.34
C ASP A 434 27.51 25.55 36.57
N LEU A 435 26.95 25.66 35.36
CA LEU A 435 27.04 26.95 34.68
C LEU A 435 26.03 27.98 35.15
N ALA A 436 25.31 27.75 36.24
CA ALA A 436 24.64 28.86 36.91
C ALA A 436 25.43 29.37 38.10
N ASP A 437 26.08 28.45 38.83
CA ASP A 437 26.91 28.84 39.97
C ASP A 437 28.27 29.38 39.53
N SER A 438 28.68 29.08 38.28
CA SER A 438 30.02 29.45 37.83
C SER A 438 30.19 30.95 37.70
N GLU A 439 29.22 31.63 37.08
CA GLU A 439 29.34 33.06 36.90
C GLU A 439 28.82 33.85 38.09
N MET A 440 28.58 33.18 39.22
CA MET A 440 28.70 33.86 40.49
C MET A 440 30.16 34.22 40.75
N ASP A 441 31.04 33.19 40.73
CA ASP A 441 32.50 33.37 40.80
C ASP A 441 33.00 34.36 39.75
N LYS A 442 32.52 34.25 38.52
CA LYS A 442 32.96 35.14 37.46
C LYS A 442 32.44 36.56 37.65
N LEU A 443 31.29 36.73 38.32
CA LEU A 443 30.83 38.07 38.69
C LEU A 443 31.42 38.55 40.00
N TYR A 444 31.35 37.74 41.06
CA TYR A 444 31.68 38.22 42.39
C TYR A 444 33.17 38.47 42.61
N GLU A 445 34.05 37.68 42.00
CA GLU A 445 35.46 37.95 42.21
C GLU A 445 36.01 39.04 41.30
N ARG A 446 35.40 39.28 40.13
CA ARG A 446 35.84 40.42 39.32
C ARG A 446 35.40 41.75 39.93
N VAL A 447 34.49 41.71 40.91
CA VAL A 447 34.25 42.86 41.76
C VAL A 447 35.31 42.94 42.85
N LYS A 448 35.71 41.81 43.43
CA LYS A 448 36.62 41.83 44.57
C LYS A 448 38.06 42.12 44.17
N ARG A 449 38.42 41.95 42.90
CA ARG A 449 39.76 42.31 42.44
C ARG A 449 39.85 43.77 42.00
N GLN A 450 38.88 44.60 42.39
CA GLN A 450 38.89 46.02 42.05
C GLN A 450 38.81 46.88 43.31
N LEU A 451 38.05 46.44 44.30
CA LEU A 451 37.95 47.15 45.58
C LEU A 451 39.01 46.69 46.58
N ARG A 452 40.06 46.02 46.11
CA ARG A 452 40.78 45.03 46.92
C ARG A 452 41.60 45.67 48.04
N GLU A 453 42.12 46.87 47.84
CA GLU A 453 42.95 47.48 48.89
C GLU A 453 42.12 48.27 49.89
N ASN A 454 40.83 48.47 49.62
CA ASN A 454 39.92 48.98 50.63
C ASN A 454 39.56 47.93 51.67
N ALA A 455 39.85 46.67 51.41
CA ALA A 455 38.91 45.62 51.75
C ALA A 455 39.30 44.90 53.03
N GLU A 456 38.26 44.50 53.74
CA GLU A 456 38.24 43.31 54.56
C GLU A 456 37.06 42.56 53.93
N GLU A 457 36.60 41.47 54.55
CA GLU A 457 35.56 40.70 53.89
C GLU A 457 34.71 39.96 54.92
N ASP A 458 33.42 39.85 54.63
CA ASP A 458 32.44 39.19 55.48
C ASP A 458 31.99 37.85 54.91
N GLY A 459 31.75 37.76 53.60
CA GLY A 459 31.54 36.48 52.97
C GLY A 459 30.09 36.09 52.79
N THR A 460 29.23 37.08 52.58
CA THR A 460 27.80 36.86 52.37
C THR A 460 27.43 36.84 50.89
N GLY A 461 28.23 37.47 50.04
CA GLY A 461 27.84 37.70 48.66
C GLY A 461 27.84 39.20 48.42
N CYS A 462 28.68 39.91 49.16
CA CYS A 462 28.50 41.33 49.41
C CYS A 462 29.82 42.08 49.47
N PHE A 463 29.80 43.26 50.09
CA PHE A 463 30.77 44.33 49.86
C PHE A 463 31.18 44.89 51.20
N GLU A 464 32.35 45.52 51.24
CA GLU A 464 32.65 46.46 52.32
C GLU A 464 33.60 47.53 51.76
N ILE A 465 33.85 48.55 52.57
CA ILE A 465 34.43 49.79 52.10
C ILE A 465 35.22 50.44 53.25
N PHE A 466 36.03 51.46 52.95
CA PHE A 466 36.59 52.35 53.97
C PHE A 466 35.89 53.69 54.06
N HIS A 467 35.15 54.09 53.03
CA HIS A 467 34.60 55.43 52.88
C HIS A 467 33.11 55.34 52.60
N LYS A 468 32.52 56.46 52.19
CA LYS A 468 31.15 56.49 51.69
C LYS A 468 31.11 57.37 50.45
N CYS A 469 30.77 56.78 49.30
CA CYS A 469 30.61 57.51 48.07
C CYS A 469 29.21 57.30 47.51
N ASP A 470 28.84 58.14 46.55
CA ASP A 470 27.49 58.18 46.03
C ASP A 470 27.24 57.07 45.02
N ASP A 471 26.13 57.19 44.28
CA ASP A 471 25.72 56.17 43.34
C ASP A 471 26.54 56.21 42.04
N ASP A 472 27.42 57.19 41.88
CA ASP A 472 28.36 57.18 40.77
C ASP A 472 29.34 56.02 40.86
N CYS A 473 29.66 55.57 42.08
CA CYS A 473 30.49 54.38 42.25
C CYS A 473 29.74 53.12 41.82
N MET A 474 28.58 52.88 42.45
CA MET A 474 27.89 51.60 42.34
C MET A 474 27.27 51.38 40.97
N ALA A 475 27.01 52.45 40.21
CA ALA A 475 26.60 52.27 38.83
C ALA A 475 27.77 51.90 37.95
N SER A 476 28.98 52.36 38.31
CA SER A 476 30.17 52.03 37.53
C SER A 476 30.66 50.62 37.78
N ILE A 477 30.25 49.99 38.89
CA ILE A 477 30.53 48.57 39.12
C ILE A 477 29.86 47.73 38.03
N ARG A 478 28.65 48.12 37.65
CA ARG A 478 27.96 47.48 36.54
C ARG A 478 28.54 47.91 35.19
N ASN A 479 29.30 49.01 35.13
CA ASN A 479 30.03 49.39 33.93
C ASN A 479 31.40 48.74 33.82
N ASN A 480 31.83 47.97 34.83
CA ASN A 480 33.18 47.37 34.94
C ASN A 480 34.26 48.45 34.92
N THR A 481 33.97 49.63 35.47
CA THR A 481 34.78 50.82 35.22
C THR A 481 35.02 51.57 36.53
N TYR A 482 35.50 50.87 37.55
CA TYR A 482 35.81 51.50 38.83
C TYR A 482 37.31 51.73 38.97
N ASP A 483 37.67 52.81 39.67
CA ASP A 483 39.07 53.16 39.90
C ASP A 483 39.25 53.60 41.35
N HIS A 484 40.47 53.40 41.88
CA HIS A 484 40.70 53.55 43.31
C HIS A 484 41.78 54.58 43.68
N ARG A 485 42.80 54.78 42.85
CA ARG A 485 44.14 55.27 43.18
C ARG A 485 44.20 56.67 43.84
N LYS A 486 43.13 57.39 44.15
CA LYS A 486 43.23 58.82 44.45
C LYS A 486 43.37 59.16 45.94
N TYR A 487 42.95 58.28 46.86
CA TYR A 487 43.32 58.50 48.26
C TYR A 487 43.66 57.21 48.99
N ARG A 488 44.50 56.34 48.39
CA ARG A 488 45.11 55.25 49.13
C ARG A 488 45.98 55.76 50.29
N GLU A 489 46.57 56.95 50.14
CA GLU A 489 47.36 57.58 51.21
C GLU A 489 46.53 57.95 52.43
N GLU A 490 45.19 58.01 52.30
CA GLU A 490 44.31 58.22 53.42
C GLU A 490 43.73 56.92 53.96
N ALA A 491 43.75 55.85 53.15
CA ALA A 491 43.18 54.57 53.57
C ALA A 491 44.02 53.91 54.66
N MET A 492 45.34 54.14 54.67
CA MET A 492 46.18 53.65 55.76
C MET A 492 45.88 54.34 57.09
N GLN A 493 45.31 55.55 57.05
CA GLN A 493 44.81 56.17 58.27
C GLN A 493 43.50 55.55 58.74
N ASN A 494 42.79 54.85 57.86
CA ASN A 494 41.54 54.21 58.22
C ASN A 494 41.76 52.81 58.77
N VAL B 1 -7.06 -15.14 -41.49
CA VAL B 1 -6.34 -16.41 -41.43
C VAL B 1 -7.24 -17.53 -41.94
N GLN B 2 -6.89 -18.05 -43.11
CA GLN B 2 -7.65 -19.13 -43.73
C GLN B 2 -6.94 -20.44 -43.41
N LEU B 3 -7.73 -21.47 -43.11
CA LEU B 3 -7.20 -22.69 -42.55
C LEU B 3 -8.14 -23.86 -42.83
N GLN B 4 -7.55 -25.01 -43.16
CA GLN B 4 -8.27 -26.13 -43.75
C GLN B 4 -8.07 -27.40 -42.94
N GLU B 5 -9.17 -28.12 -42.69
CA GLU B 5 -9.13 -29.42 -42.05
C GLU B 5 -8.76 -30.52 -43.05
N SER B 6 -8.35 -31.67 -42.53
CA SER B 6 -8.16 -32.85 -43.35
C SER B 6 -8.35 -34.10 -42.50
N GLY B 7 -9.02 -35.09 -43.08
CA GLY B 7 -9.37 -36.31 -42.40
C GLY B 7 -10.20 -37.22 -43.28
N PRO B 8 -10.04 -38.54 -43.14
CA PRO B 8 -10.77 -39.47 -44.00
C PRO B 8 -12.25 -39.53 -43.67
N GLU B 9 -13.06 -39.55 -44.74
CA GLU B 9 -14.50 -39.32 -44.65
C GLU B 9 -15.31 -40.61 -44.61
N VAL B 10 -14.69 -41.75 -44.88
CA VAL B 10 -15.35 -43.05 -44.76
C VAL B 10 -14.77 -43.76 -43.55
N VAL B 11 -15.60 -43.97 -42.53
CA VAL B 11 -15.15 -44.52 -41.26
C VAL B 11 -16.35 -45.16 -40.58
N ARG B 12 -16.10 -46.20 -39.75
CA ARG B 12 -17.11 -47.04 -39.12
C ARG B 12 -17.42 -46.53 -37.71
N PRO B 13 -18.58 -46.87 -37.17
CA PRO B 13 -18.81 -46.67 -35.73
C PRO B 13 -18.00 -47.67 -34.91
N GLY B 14 -17.22 -47.14 -33.96
CA GLY B 14 -16.41 -47.97 -33.10
C GLY B 14 -14.95 -48.07 -33.47
N VAL B 15 -14.50 -47.36 -34.51
CA VAL B 15 -13.09 -47.33 -34.87
C VAL B 15 -12.60 -45.89 -34.82
N SER B 16 -11.34 -45.67 -35.20
CA SER B 16 -10.67 -44.39 -34.99
C SER B 16 -10.54 -43.62 -36.29
N VAL B 17 -10.80 -42.32 -36.22
CA VAL B 17 -10.56 -41.38 -37.32
C VAL B 17 -9.79 -40.19 -36.74
N LYS B 18 -8.87 -39.64 -37.53
CA LYS B 18 -8.05 -38.54 -37.08
C LYS B 18 -8.43 -37.26 -37.81
N ILE B 19 -8.26 -36.14 -37.13
CA ILE B 19 -8.56 -34.82 -37.67
C ILE B 19 -7.28 -34.02 -37.72
N SER B 20 -7.09 -33.26 -38.81
CA SER B 20 -5.86 -32.53 -39.04
C SER B 20 -6.19 -31.18 -39.66
N CYS B 21 -6.08 -30.13 -38.86
CA CYS B 21 -6.37 -28.75 -39.27
C CYS B 21 -5.08 -27.97 -39.36
N LYS B 22 -4.73 -27.51 -40.56
CA LYS B 22 -3.50 -26.78 -40.81
C LYS B 22 -3.67 -25.35 -40.33
N GLY B 23 -2.81 -24.93 -39.40
CA GLY B 23 -2.85 -23.57 -38.92
C GLY B 23 -1.95 -22.68 -39.73
N SER B 24 -2.49 -21.98 -40.71
CA SER B 24 -1.69 -21.15 -41.60
C SER B 24 -1.35 -19.85 -40.90
N GLY B 25 -0.27 -19.19 -41.36
CA GLY B 25 0.10 -17.90 -40.84
C GLY B 25 1.04 -17.91 -39.65
N TYR B 26 0.75 -18.70 -38.62
CA TYR B 26 1.57 -18.69 -37.41
C TYR B 26 1.38 -20.02 -36.69
N THR B 27 2.19 -20.25 -35.67
CA THR B 27 2.23 -21.51 -34.95
C THR B 27 1.39 -21.48 -33.67
N PHE B 28 1.37 -22.62 -32.98
CA PHE B 28 0.68 -22.73 -31.69
C PHE B 28 1.46 -21.93 -30.64
N THR B 29 0.96 -20.75 -30.35
CA THR B 29 1.55 -19.77 -29.46
C THR B 29 0.62 -19.57 -28.28
N ASP B 30 0.83 -18.46 -27.55
CA ASP B 30 -0.05 -17.98 -26.49
C ASP B 30 -1.54 -17.85 -26.87
N TYR B 31 -1.85 -17.85 -28.17
CA TYR B 31 -3.19 -18.19 -28.63
C TYR B 31 -3.25 -19.66 -29.04
N PRO B 32 -3.88 -20.53 -28.26
CA PRO B 32 -4.08 -21.92 -28.70
C PRO B 32 -5.31 -22.08 -29.56
N MET B 33 -5.61 -23.34 -29.91
CA MET B 33 -6.62 -23.69 -30.90
C MET B 33 -7.63 -24.66 -30.32
N HIS B 34 -8.91 -24.39 -30.54
CA HIS B 34 -10.03 -25.16 -30.02
C HIS B 34 -10.75 -25.82 -31.20
N TRP B 35 -11.83 -26.54 -30.89
CA TRP B 35 -12.63 -27.21 -31.93
C TRP B 35 -14.11 -27.08 -31.58
N VAL B 36 -14.97 -27.26 -32.57
CA VAL B 36 -16.43 -27.11 -32.44
C VAL B 36 -17.09 -28.23 -33.22
N LYS B 37 -18.13 -28.85 -32.64
CA LYS B 37 -18.96 -29.81 -33.34
C LYS B 37 -20.11 -29.10 -34.05
N GLN B 38 -20.47 -29.60 -35.23
CA GLN B 38 -21.73 -29.29 -35.87
C GLN B 38 -22.62 -30.52 -35.81
N SER B 39 -23.86 -30.34 -35.39
CA SER B 39 -24.81 -31.45 -35.33
C SER B 39 -25.78 -31.38 -36.50
N HIS B 40 -26.65 -32.39 -36.59
CA HIS B 40 -27.70 -32.41 -37.59
C HIS B 40 -28.77 -31.39 -37.21
N ALA B 41 -29.52 -30.92 -38.23
CA ALA B 41 -30.58 -29.91 -38.13
C ALA B 41 -30.07 -28.59 -37.56
N LYS B 42 -28.79 -28.29 -37.81
CA LYS B 42 -28.15 -27.00 -37.53
C LYS B 42 -28.22 -26.61 -36.05
N SER B 43 -27.55 -27.39 -35.20
CA SER B 43 -27.25 -26.97 -33.85
C SER B 43 -25.78 -27.24 -33.54
N LEU B 44 -25.24 -26.48 -32.60
CA LEU B 44 -23.82 -26.57 -32.27
C LEU B 44 -23.61 -27.11 -30.86
N GLU B 45 -22.36 -27.47 -30.58
CA GLU B 45 -21.84 -27.68 -29.24
C GLU B 45 -20.33 -27.62 -29.31
N TRP B 46 -19.71 -27.08 -28.26
CA TRP B 46 -18.26 -26.89 -28.23
C TRP B 46 -17.60 -28.17 -27.70
N ILE B 47 -17.60 -29.20 -28.56
CA ILE B 47 -17.10 -30.51 -28.17
C ILE B 47 -15.59 -30.51 -28.03
N GLY B 48 -14.94 -29.46 -28.55
CA GLY B 48 -13.52 -29.49 -28.80
C GLY B 48 -12.63 -29.53 -27.59
N VAL B 49 -12.08 -30.72 -27.36
CA VAL B 49 -10.94 -30.81 -26.48
C VAL B 49 -9.78 -30.08 -27.16
N PHE B 50 -9.15 -29.18 -26.43
CA PHE B 50 -8.13 -28.35 -27.06
C PHE B 50 -6.78 -28.55 -26.39
N SER B 51 -5.73 -28.27 -27.15
CA SER B 51 -4.37 -28.35 -26.66
C SER B 51 -3.75 -26.96 -26.66
N THR B 52 -3.27 -26.54 -25.51
CA THR B 52 -2.56 -25.29 -25.37
C THR B 52 -1.14 -25.42 -25.91
N TYR B 53 -0.39 -24.33 -25.73
CA TYR B 53 0.98 -24.24 -26.23
C TYR B 53 1.98 -24.87 -25.27
N ASN B 54 1.49 -25.56 -24.23
CA ASN B 54 2.35 -26.25 -23.28
C ASN B 54 2.03 -27.74 -23.19
N GLY B 55 1.07 -28.22 -23.98
CA GLY B 55 0.77 -29.64 -24.03
C GLY B 55 -0.11 -30.17 -22.93
N ASN B 56 -1.35 -29.68 -22.85
CA ASN B 56 -2.37 -30.28 -21.99
C ASN B 56 -3.70 -30.34 -22.71
N THR B 57 -4.74 -30.66 -21.95
CA THR B 57 -5.94 -31.30 -22.46
C THR B 57 -7.17 -30.82 -21.70
N ASN B 58 -8.25 -30.53 -22.41
CA ASN B 58 -9.47 -30.02 -21.77
C ASN B 58 -10.69 -30.46 -22.57
N TYR B 59 -11.29 -31.57 -22.15
CA TYR B 59 -12.37 -32.24 -22.86
C TYR B 59 -13.69 -31.49 -22.77
N ASN B 60 -14.74 -32.12 -23.30
CA ASN B 60 -16.10 -31.71 -22.98
C ASN B 60 -16.56 -32.45 -21.72
N GLN B 61 -17.75 -32.10 -21.22
CA GLN B 61 -18.30 -32.78 -20.06
C GLN B 61 -18.61 -34.24 -20.31
N LYS B 62 -19.33 -34.55 -21.38
CA LYS B 62 -19.70 -35.91 -21.72
C LYS B 62 -18.51 -36.71 -22.26
N PHE B 63 -17.42 -36.05 -22.64
CA PHE B 63 -16.36 -36.72 -23.40
C PHE B 63 -15.01 -36.67 -22.71
N LYS B 64 -14.94 -36.85 -21.39
CA LYS B 64 -13.66 -36.78 -20.69
C LYS B 64 -12.78 -38.00 -20.94
N GLY B 65 -13.18 -39.18 -20.49
CA GLY B 65 -12.43 -40.39 -20.80
C GLY B 65 -12.65 -40.93 -22.18
N LYS B 66 -12.53 -40.09 -23.22
CA LYS B 66 -13.10 -40.39 -24.51
C LYS B 66 -12.17 -40.09 -25.69
N ALA B 67 -11.21 -39.18 -25.53
CA ALA B 67 -10.41 -38.70 -26.64
C ALA B 67 -9.04 -38.24 -26.14
N THR B 68 -8.31 -37.53 -27.00
CA THR B 68 -7.01 -36.96 -26.69
C THR B 68 -6.69 -35.84 -27.66
N MET B 69 -6.51 -34.62 -27.14
CA MET B 69 -5.97 -33.52 -27.92
C MET B 69 -4.61 -33.11 -27.40
N THR B 70 -3.59 -33.24 -28.23
CA THR B 70 -2.25 -32.77 -27.94
C THR B 70 -1.74 -31.98 -29.14
N VAL B 71 -0.74 -31.15 -28.89
CA VAL B 71 -0.22 -30.23 -29.90
C VAL B 71 0.95 -30.89 -30.62
N ASP B 72 1.01 -30.67 -31.94
CA ASP B 72 2.23 -30.86 -32.71
C ASP B 72 2.67 -29.51 -33.25
N LYS B 73 3.97 -29.25 -33.16
CA LYS B 73 4.53 -27.95 -33.52
C LYS B 73 5.13 -27.90 -34.91
N SER B 74 5.39 -29.06 -35.53
CA SER B 74 6.14 -29.07 -36.79
C SER B 74 5.25 -28.77 -37.99
N SER B 75 3.98 -29.16 -37.93
CA SER B 75 3.09 -28.99 -39.07
C SER B 75 2.01 -27.94 -38.85
N SER B 76 2.06 -27.23 -37.72
CA SER B 76 1.05 -26.24 -37.28
C SER B 76 -0.35 -26.87 -37.27
N THR B 77 -0.41 -28.05 -36.67
CA THR B 77 -1.61 -28.86 -36.60
C THR B 77 -1.57 -29.68 -35.32
N ALA B 78 -2.62 -29.57 -34.52
CA ALA B 78 -2.71 -30.33 -33.28
C ALA B 78 -3.08 -31.77 -33.59
N TYR B 79 -2.73 -32.67 -32.67
CA TYR B 79 -2.90 -34.11 -32.85
C TYR B 79 -4.15 -34.57 -32.12
N MET B 80 -4.96 -35.37 -32.80
CA MET B 80 -6.18 -35.93 -32.22
C MET B 80 -6.58 -37.18 -32.98
N GLU B 81 -7.14 -38.15 -32.25
CA GLU B 81 -7.66 -39.37 -32.82
C GLU B 81 -9.03 -39.64 -32.22
N LEU B 82 -10.06 -39.68 -33.06
CA LEU B 82 -11.43 -39.85 -32.61
C LEU B 82 -11.86 -41.30 -32.81
N ASP B 83 -11.77 -42.08 -31.74
CA ASP B 83 -12.24 -43.45 -31.65
C ASP B 83 -13.74 -43.48 -31.36
N ARG B 84 -14.21 -44.63 -30.85
CA ARG B 84 -15.50 -44.82 -30.12
C ARG B 84 -16.73 -44.42 -30.93
N LEU B 85 -16.60 -44.40 -32.26
CA LEU B 85 -17.53 -43.65 -33.11
C LEU B 85 -18.95 -44.20 -33.09
N THR B 86 -19.89 -43.31 -33.40
CA THR B 86 -21.32 -43.58 -33.36
C THR B 86 -21.98 -42.74 -34.46
N SER B 87 -23.00 -43.32 -35.10
CA SER B 87 -23.68 -42.68 -36.23
C SER B 87 -24.39 -41.39 -35.85
N GLU B 88 -24.67 -41.17 -34.56
CA GLU B 88 -25.20 -39.89 -34.11
C GLU B 88 -24.18 -38.77 -34.23
N ASP B 89 -22.89 -39.11 -34.15
CA ASP B 89 -21.80 -38.13 -34.17
C ASP B 89 -21.38 -37.73 -35.59
N SER B 90 -22.23 -37.96 -36.60
CA SER B 90 -21.96 -37.49 -37.94
C SER B 90 -22.07 -35.97 -37.97
N GLY B 91 -20.99 -35.30 -38.36
CA GLY B 91 -21.00 -33.84 -38.37
C GLY B 91 -19.73 -33.29 -38.95
N ILE B 92 -19.77 -31.98 -39.22
CA ILE B 92 -18.66 -31.26 -39.80
C ILE B 92 -17.89 -30.59 -38.67
N TYR B 93 -16.59 -30.86 -38.60
CA TYR B 93 -15.79 -30.52 -37.43
C TYR B 93 -14.95 -29.29 -37.73
N TYR B 94 -15.26 -28.19 -37.04
CA TYR B 94 -14.68 -26.89 -37.33
C TYR B 94 -13.61 -26.55 -36.31
N CYS B 95 -12.35 -26.72 -36.69
CA CYS B 95 -11.24 -26.22 -35.90
C CYS B 95 -11.29 -24.70 -35.83
N ALA B 96 -10.72 -24.16 -34.75
CA ALA B 96 -10.71 -22.73 -34.53
C ALA B 96 -9.56 -22.37 -33.60
N ILE B 97 -8.61 -21.60 -34.12
CA ILE B 97 -7.57 -21.01 -33.28
C ILE B 97 -8.26 -19.86 -32.54
N GLY B 98 -8.03 -19.75 -31.24
CA GLY B 98 -8.77 -18.81 -30.45
C GLY B 98 -8.06 -17.49 -30.22
N GLY B 99 -8.83 -16.47 -29.84
CA GLY B 99 -8.31 -15.30 -29.17
C GLY B 99 -9.09 -14.92 -27.94
N GLU B 100 -10.32 -15.44 -27.82
CA GLU B 100 -11.14 -15.58 -26.62
C GLU B 100 -11.71 -14.25 -26.10
N LEU B 101 -11.18 -13.12 -26.56
CA LEU B 101 -11.77 -11.83 -26.28
C LEU B 101 -11.75 -10.91 -27.50
N SER B 102 -11.42 -11.45 -28.67
CA SER B 102 -12.08 -11.02 -29.89
C SER B 102 -13.23 -11.93 -30.24
N TRP B 103 -12.94 -13.18 -30.65
CA TRP B 103 -13.77 -14.39 -30.66
C TRP B 103 -12.89 -15.48 -31.27
N PHE B 104 -13.40 -16.71 -31.36
CA PHE B 104 -12.78 -17.77 -32.16
C PHE B 104 -12.93 -17.40 -33.64
N ALA B 105 -12.09 -16.46 -34.07
CA ALA B 105 -12.25 -15.87 -35.39
C ALA B 105 -11.41 -16.60 -36.42
N TYR B 106 -10.29 -17.17 -35.99
CA TYR B 106 -9.40 -17.95 -36.83
C TYR B 106 -10.06 -19.30 -37.07
N CYS B 107 -11.04 -19.34 -37.96
CA CYS B 107 -12.03 -20.42 -37.97
C CYS B 107 -11.95 -21.21 -39.26
N GLY B 108 -12.56 -22.40 -39.22
CA GLY B 108 -12.48 -23.34 -40.31
C GLY B 108 -13.77 -23.48 -41.10
N GLN B 109 -13.62 -23.99 -42.33
CA GLN B 109 -14.78 -24.25 -43.17
C GLN B 109 -15.22 -25.70 -43.06
N GLY B 110 -14.40 -26.55 -42.47
CA GLY B 110 -14.81 -27.89 -42.13
C GLY B 110 -14.66 -28.90 -43.25
N THR B 111 -14.00 -30.01 -42.95
CA THR B 111 -14.00 -31.17 -43.83
C THR B 111 -15.14 -32.09 -43.36
N THR B 112 -16.12 -32.27 -44.24
CA THR B 112 -17.38 -32.94 -43.87
C THR B 112 -17.11 -34.42 -43.61
N LEU B 113 -17.12 -34.81 -42.35
CA LEU B 113 -16.96 -36.19 -41.94
C LEU B 113 -18.33 -36.80 -41.70
N THR B 114 -18.64 -37.85 -42.47
CA THR B 114 -19.90 -38.56 -42.33
C THR B 114 -19.63 -39.88 -41.61
N VAL B 115 -20.21 -40.03 -40.42
CA VAL B 115 -19.96 -41.19 -39.57
C VAL B 115 -21.16 -42.13 -39.68
N SER B 116 -20.97 -43.23 -40.40
CA SER B 116 -22.01 -44.23 -40.57
C SER B 116 -21.36 -45.55 -41.01
N ALA B 117 -22.06 -46.65 -40.71
CA ALA B 117 -21.60 -47.99 -41.07
C ALA B 117 -21.98 -48.39 -42.49
N ASP C 1 -25.62 -26.62 -17.05
CA ASP C 1 -25.33 -25.77 -18.20
C ASP C 1 -26.43 -24.72 -18.37
N ILE C 2 -26.02 -23.54 -18.82
CA ILE C 2 -26.90 -22.39 -18.97
C ILE C 2 -27.73 -22.61 -20.23
N VAL C 3 -29.03 -22.56 -20.09
CA VAL C 3 -29.91 -22.61 -21.25
C VAL C 3 -30.39 -21.19 -21.54
N MET C 4 -29.76 -20.57 -22.54
CA MET C 4 -30.09 -19.20 -22.93
C MET C 4 -31.31 -19.28 -23.85
N THR C 5 -32.33 -18.50 -23.55
CA THR C 5 -33.60 -18.57 -24.26
C THR C 5 -33.55 -17.66 -25.48
N GLN C 6 -33.81 -18.22 -26.64
CA GLN C 6 -34.15 -17.41 -27.81
C GLN C 6 -35.67 -17.40 -28.00
N SER C 7 -36.24 -16.21 -28.00
CA SER C 7 -37.64 -15.98 -28.28
C SER C 7 -37.80 -14.59 -28.89
N PRO C 8 -38.11 -14.50 -30.20
CA PRO C 8 -38.49 -15.55 -31.15
C PRO C 8 -37.34 -16.36 -31.77
N ALA C 9 -37.52 -17.68 -31.79
CA ALA C 9 -36.55 -18.58 -32.42
C ALA C 9 -36.83 -18.81 -33.89
N SER C 10 -37.69 -17.99 -34.49
CA SER C 10 -37.93 -18.01 -35.93
C SER C 10 -38.47 -16.66 -36.34
N LEU C 11 -37.77 -16.02 -37.27
CA LEU C 11 -38.25 -14.83 -37.95
C LEU C 11 -37.43 -14.65 -39.21
N ALA C 12 -38.01 -13.93 -40.15
CA ALA C 12 -37.25 -13.38 -41.27
C ALA C 12 -37.88 -12.03 -41.60
N VAL C 13 -37.07 -11.09 -42.12
CA VAL C 13 -37.39 -9.68 -42.06
C VAL C 13 -37.14 -9.02 -43.42
N SER C 14 -37.59 -7.77 -43.57
CA SER C 14 -37.54 -7.04 -44.83
C SER C 14 -36.32 -6.12 -44.91
N LEU C 15 -36.32 -5.28 -45.95
CA LEU C 15 -35.17 -4.43 -46.26
C LEU C 15 -35.12 -3.20 -45.35
N GLY C 16 -33.91 -2.67 -45.15
CA GLY C 16 -33.68 -1.39 -44.50
C GLY C 16 -34.15 -1.27 -43.08
N GLN C 17 -34.25 -2.37 -42.35
CA GLN C 17 -34.97 -2.40 -41.08
C GLN C 17 -34.00 -2.29 -39.89
N ARG C 18 -34.58 -2.39 -38.70
CA ARG C 18 -33.84 -2.53 -37.46
C ARG C 18 -34.51 -3.61 -36.62
N ALA C 19 -33.73 -4.60 -36.20
CA ALA C 19 -34.25 -5.77 -35.52
C ALA C 19 -33.67 -5.87 -34.12
N THR C 20 -34.53 -6.22 -33.17
CA THR C 20 -34.13 -6.40 -31.78
C THR C 20 -34.48 -7.80 -31.31
N ILE C 21 -33.51 -8.72 -31.43
CA ILE C 21 -33.72 -10.12 -31.11
C ILE C 21 -32.77 -10.51 -29.98
N SER C 22 -33.27 -11.36 -29.08
CA SER C 22 -32.60 -11.62 -27.81
C SER C 22 -32.24 -13.10 -27.66
N TYR C 23 -30.97 -13.36 -27.42
CA TYR C 23 -30.53 -14.48 -26.60
C TYR C 23 -30.43 -13.90 -25.20
N ARG C 24 -31.30 -14.34 -24.30
CA ARG C 24 -31.39 -13.76 -22.96
C ARG C 24 -30.68 -14.68 -21.97
N ALA C 25 -30.04 -14.08 -20.98
CA ALA C 25 -29.22 -14.79 -20.01
C ALA C 25 -30.00 -14.98 -18.71
N SER C 26 -29.88 -16.19 -18.15
CA SER C 26 -30.65 -16.55 -16.95
C SER C 26 -29.80 -16.59 -15.68
N LYS C 27 -28.50 -16.34 -15.76
CA LYS C 27 -27.60 -16.40 -14.60
C LYS C 27 -27.05 -15.02 -14.31
N SER C 28 -26.17 -14.94 -13.32
CA SER C 28 -25.56 -13.67 -12.93
C SER C 28 -24.59 -13.21 -14.00
N VAL C 29 -25.02 -12.25 -14.82
CA VAL C 29 -24.23 -11.79 -15.96
C VAL C 29 -23.85 -10.33 -15.84
N SER C 30 -23.68 -9.80 -14.63
CA SER C 30 -23.25 -8.44 -14.44
C SER C 30 -21.86 -8.39 -13.81
N THR C 31 -21.00 -7.59 -14.42
CA THR C 31 -19.60 -7.37 -14.03
C THR C 31 -19.05 -6.22 -14.86
N SER C 32 -17.99 -5.58 -14.34
CA SER C 32 -17.04 -4.76 -15.12
C SER C 32 -17.68 -3.63 -15.95
N GLY C 33 -18.95 -3.33 -15.68
CA GLY C 33 -19.77 -2.52 -16.55
C GLY C 33 -20.26 -3.21 -17.81
N TYR C 34 -19.92 -4.48 -18.04
CA TYR C 34 -20.18 -5.11 -19.32
C TYR C 34 -20.55 -6.59 -19.17
N SER C 35 -20.85 -7.21 -20.30
CA SER C 35 -20.93 -8.65 -20.39
C SER C 35 -20.04 -9.12 -21.52
N TYR C 36 -19.53 -10.34 -21.36
CA TYR C 36 -18.65 -10.95 -22.36
C TYR C 36 -19.53 -11.82 -23.24
N MET C 37 -20.29 -11.18 -24.12
CA MET C 37 -21.16 -11.92 -25.01
C MET C 37 -20.89 -11.53 -26.44
N HIS C 38 -20.20 -12.43 -27.15
CA HIS C 38 -19.83 -12.22 -28.54
C HIS C 38 -20.95 -12.80 -29.39
N TRP C 39 -20.98 -12.44 -30.67
CA TRP C 39 -21.90 -13.01 -31.64
C TRP C 39 -21.11 -13.51 -32.83
N ASN C 40 -21.72 -14.38 -33.62
CA ASN C 40 -21.15 -14.74 -34.90
C ASN C 40 -22.22 -14.86 -35.98
N GLN C 41 -21.89 -14.39 -37.17
CA GLN C 41 -22.70 -14.60 -38.36
C GLN C 41 -22.38 -15.99 -38.87
N GLN C 42 -23.39 -16.69 -39.40
CA GLN C 42 -23.17 -17.94 -40.14
C GLN C 42 -23.99 -17.90 -41.41
N LYS C 43 -23.33 -17.74 -42.55
CA LYS C 43 -24.06 -17.80 -43.80
C LYS C 43 -24.19 -19.25 -44.25
N PRO C 44 -25.36 -19.68 -44.72
CA PRO C 44 -25.49 -21.05 -45.23
C PRO C 44 -24.72 -21.25 -46.53
N GLY C 45 -23.63 -22.01 -46.45
CA GLY C 45 -22.69 -22.12 -47.55
C GLY C 45 -21.39 -21.40 -47.32
N GLN C 46 -21.16 -20.87 -46.13
CA GLN C 46 -19.93 -20.20 -45.74
C GLN C 46 -19.59 -20.58 -44.31
N PRO C 47 -18.32 -20.58 -43.95
CA PRO C 47 -17.94 -20.74 -42.54
C PRO C 47 -18.34 -19.52 -41.74
N PRO C 48 -18.51 -19.66 -40.43
CA PRO C 48 -18.93 -18.52 -39.61
C PRO C 48 -17.83 -17.49 -39.43
N ARG C 49 -18.13 -16.42 -38.69
CA ARG C 49 -17.19 -15.33 -38.45
C ARG C 49 -17.64 -14.46 -37.29
N LEU C 50 -16.67 -14.05 -36.47
CA LEU C 50 -16.85 -13.01 -35.45
C LEU C 50 -17.46 -11.73 -36.02
N LEU C 51 -18.27 -11.05 -35.20
CA LEU C 51 -18.64 -9.67 -35.52
C LEU C 51 -18.54 -8.69 -34.35
N ILE C 52 -18.72 -9.14 -33.11
CA ILE C 52 -18.75 -8.22 -31.96
C ILE C 52 -17.92 -8.78 -30.80
N TYR C 53 -17.17 -7.91 -30.14
CA TYR C 53 -16.56 -8.19 -28.86
C TYR C 53 -16.72 -6.98 -27.94
N LEU C 54 -17.11 -7.24 -26.68
CA LEU C 54 -17.13 -6.24 -25.60
C LEU C 54 -17.99 -5.02 -25.95
N VAL C 55 -19.31 -5.16 -25.78
CA VAL C 55 -20.42 -4.66 -26.59
C VAL C 55 -20.16 -3.35 -27.36
N SER C 56 -19.50 -2.38 -26.73
CA SER C 56 -19.18 -1.12 -27.39
C SER C 56 -18.16 -1.23 -28.51
N ASN C 57 -17.20 -2.14 -28.45
CA ASN C 57 -15.98 -2.08 -29.26
C ASN C 57 -16.02 -3.08 -30.39
N LEU C 58 -16.62 -2.70 -31.53
CA LEU C 58 -16.75 -3.64 -32.65
C LEU C 58 -15.41 -3.84 -33.35
N GLU C 59 -15.31 -4.94 -34.10
CA GLU C 59 -14.11 -5.21 -34.87
C GLU C 59 -14.13 -4.45 -36.19
N SER C 60 -12.99 -4.46 -36.88
CA SER C 60 -12.96 -4.03 -38.28
C SER C 60 -12.80 -5.27 -39.17
N GLY C 61 -13.58 -5.32 -40.25
CA GLY C 61 -13.58 -6.47 -41.13
C GLY C 61 -14.98 -6.77 -41.60
N VAL C 62 -15.95 -6.43 -40.75
CA VAL C 62 -17.33 -6.27 -41.16
C VAL C 62 -17.50 -4.77 -41.33
N PRO C 63 -18.41 -4.28 -42.17
CA PRO C 63 -18.88 -2.90 -42.00
C PRO C 63 -19.57 -2.76 -40.65
N ALA C 64 -19.41 -1.58 -40.06
CA ALA C 64 -19.80 -1.36 -38.67
C ALA C 64 -21.29 -1.08 -38.50
N ARG C 65 -22.12 -1.47 -39.47
CA ARG C 65 -23.55 -1.22 -39.42
C ARG C 65 -24.32 -2.18 -38.51
N PHE C 66 -23.66 -3.20 -37.97
CA PHE C 66 -24.19 -3.92 -36.82
C PHE C 66 -24.00 -3.09 -35.57
N SER C 67 -24.88 -3.25 -34.60
CA SER C 67 -24.79 -2.55 -33.33
C SER C 67 -25.23 -3.49 -32.22
N GLY C 68 -24.28 -4.18 -31.61
CA GLY C 68 -24.54 -4.90 -30.37
C GLY C 68 -24.86 -3.88 -29.28
N SER C 69 -25.89 -4.17 -28.50
CA SER C 69 -26.39 -3.21 -27.53
C SER C 69 -26.78 -3.93 -26.25
N GLY C 70 -26.94 -3.15 -25.20
CA GLY C 70 -27.41 -3.66 -23.93
C GLY C 70 -26.58 -3.18 -22.75
N SER C 71 -27.26 -2.99 -21.62
CA SER C 71 -26.62 -2.74 -20.34
C SER C 71 -27.53 -3.28 -19.25
N GLY C 72 -27.12 -4.38 -18.63
CA GLY C 72 -27.98 -5.08 -17.71
C GLY C 72 -27.94 -6.59 -17.87
N THR C 73 -29.11 -7.23 -17.96
CA THR C 73 -29.18 -8.69 -17.89
C THR C 73 -29.33 -9.34 -19.26
N ASP C 74 -30.38 -9.01 -19.98
CA ASP C 74 -30.74 -9.68 -21.22
C ASP C 74 -30.38 -8.80 -22.41
N PHE C 75 -29.50 -9.31 -23.27
CA PHE C 75 -28.89 -8.46 -24.30
C PHE C 75 -29.41 -8.81 -25.69
N THR C 76 -29.16 -7.89 -26.61
CA THR C 76 -29.84 -7.80 -27.88
C THR C 76 -29.05 -6.88 -28.80
N LEU C 77 -28.69 -7.33 -29.99
CA LEU C 77 -28.03 -6.47 -30.95
C LEU C 77 -29.04 -5.73 -31.82
N ASN C 78 -28.56 -4.70 -32.50
CA ASN C 78 -29.38 -3.87 -33.38
C ASN C 78 -28.68 -3.78 -34.73
N ILE C 79 -29.46 -3.71 -35.80
CA ILE C 79 -28.94 -3.63 -37.16
C ILE C 79 -29.46 -2.32 -37.75
N HIS C 80 -28.64 -1.62 -38.51
CA HIS C 80 -29.17 -0.58 -39.39
C HIS C 80 -28.66 -0.81 -40.82
N PRO C 81 -29.14 -0.02 -41.85
CA PRO C 81 -29.89 -0.62 -42.98
C PRO C 81 -29.49 -2.01 -43.45
N VAL C 82 -30.50 -2.89 -43.52
CA VAL C 82 -30.31 -4.27 -43.94
C VAL C 82 -30.18 -4.32 -45.46
N GLU C 83 -29.22 -5.12 -45.94
CA GLU C 83 -28.93 -5.30 -47.34
C GLU C 83 -29.20 -6.75 -47.72
N GLU C 84 -28.78 -7.12 -48.93
CA GLU C 84 -29.11 -8.44 -49.44
C GLU C 84 -28.33 -9.55 -48.74
N GLU C 85 -27.09 -9.31 -48.34
CA GLU C 85 -26.26 -10.35 -47.74
C GLU C 85 -26.47 -10.50 -46.24
N ASP C 86 -27.58 -9.99 -45.70
CA ASP C 86 -27.98 -10.25 -44.33
C ASP C 86 -28.66 -11.61 -44.18
N ALA C 87 -28.94 -12.29 -45.29
CA ALA C 87 -29.62 -13.58 -45.25
C ALA C 87 -28.67 -14.64 -44.73
N ALA C 88 -28.73 -14.88 -43.42
CA ALA C 88 -27.83 -15.81 -42.76
C ALA C 88 -28.47 -16.24 -41.44
N THR C 89 -27.81 -17.20 -40.78
CA THR C 89 -28.24 -17.70 -39.47
C THR C 89 -27.33 -17.09 -38.41
N TYR C 90 -27.93 -16.29 -37.53
CA TYR C 90 -27.15 -15.49 -36.57
C TYR C 90 -27.10 -16.20 -35.23
N TYR C 91 -26.21 -17.18 -35.13
CA TYR C 91 -25.87 -17.82 -33.87
C TYR C 91 -25.14 -16.86 -32.93
N CYS C 92 -24.90 -17.35 -31.72
CA CYS C 92 -23.70 -16.97 -30.97
C CYS C 92 -23.37 -18.13 -30.05
N GLN C 93 -22.36 -17.92 -29.21
CA GLN C 93 -22.10 -18.82 -28.10
C GLN C 93 -21.87 -17.95 -26.87
N HIS C 94 -21.79 -18.57 -25.70
CA HIS C 94 -21.59 -17.80 -24.49
C HIS C 94 -20.13 -17.89 -24.07
N ILE C 95 -19.60 -16.79 -23.54
CA ILE C 95 -18.22 -16.86 -23.06
C ILE C 95 -18.12 -16.22 -21.68
N ARG C 96 -19.18 -15.50 -21.26
CA ARG C 96 -19.10 -14.64 -20.08
C ARG C 96 -18.95 -15.44 -18.81
N GLU C 97 -19.88 -16.33 -18.50
CA GLU C 97 -19.71 -17.18 -17.34
C GLU C 97 -19.77 -18.63 -17.79
N LEU C 98 -19.03 -19.46 -17.08
CA LEU C 98 -19.02 -20.91 -17.19
C LEU C 98 -20.44 -21.45 -17.09
N THR C 99 -20.89 -22.17 -18.11
CA THR C 99 -20.07 -22.73 -19.18
C THR C 99 -20.31 -22.09 -20.54
N ARG C 100 -19.62 -22.61 -21.55
CA ARG C 100 -19.92 -22.24 -22.92
C ARG C 100 -21.14 -22.99 -23.43
N SER C 101 -22.00 -22.26 -24.12
CA SER C 101 -23.19 -22.81 -24.74
C SER C 101 -23.58 -21.94 -25.92
N GLU C 102 -24.01 -22.57 -26.99
CA GLU C 102 -24.38 -21.88 -28.20
C GLU C 102 -25.78 -21.31 -28.09
N GLY C 103 -26.28 -20.78 -29.21
CA GLY C 103 -27.54 -20.08 -29.24
C GLY C 103 -28.75 -21.00 -29.44
N GLY C 104 -29.73 -20.46 -30.16
CA GLY C 104 -30.99 -21.15 -30.37
C GLY C 104 -30.96 -22.19 -31.47
N PRO C 105 -30.72 -21.78 -32.74
CA PRO C 105 -30.52 -20.45 -33.34
C PRO C 105 -31.79 -19.70 -33.68
N SER C 106 -31.60 -18.55 -34.32
CA SER C 106 -32.66 -17.83 -35.00
C SER C 106 -32.29 -17.69 -36.47
N TRP C 107 -33.29 -17.41 -37.30
CA TRP C 107 -33.13 -17.31 -38.73
C TRP C 107 -33.23 -15.85 -39.17
N ASN C 108 -32.81 -15.58 -40.40
CA ASN C 108 -32.89 -14.26 -41.00
C ASN C 108 -32.85 -14.40 -42.52
N SER C 109 -33.97 -14.10 -43.17
CA SER C 109 -34.09 -14.18 -44.62
C SER C 109 -34.86 -12.97 -45.13
C1 NAG D . 5.18 -5.92 21.82
C2 NAG D . 4.06 -6.96 21.79
C3 NAG D . 2.71 -6.28 21.62
C4 NAG D . 2.50 -5.23 22.70
C5 NAG D . 3.66 -4.24 22.69
C6 NAG D . 3.60 -3.22 23.81
C7 NAG D . 4.79 -9.17 20.98
C8 NAG D . 4.92 -10.06 19.79
N2 NAG D . 4.27 -7.95 20.75
O3 NAG D . 1.67 -7.25 21.67
O4 NAG D . 1.30 -4.52 22.49
O5 NAG D . 4.92 -4.95 22.85
O6 NAG D . 4.88 -2.85 24.27
O7 NAG D . 5.13 -9.52 22.10
C1 NAG E . 10.78 30.40 31.76
C2 NAG E . 10.68 31.92 31.60
C3 NAG E . 9.38 32.28 30.88
C4 NAG E . 9.24 31.50 29.58
C5 NAG E . 9.45 30.00 29.81
C6 NAG E . 9.46 29.18 28.54
C7 NAG E . 10.06 32.53 33.96
C8 NAG E . 10.47 33.39 35.11
N2 NAG E . 10.83 32.63 32.86
O3 NAG E . 9.37 33.68 30.61
O4 NAG E . 7.95 31.71 29.02
O5 NAG E . 10.71 29.76 30.47
O6 NAG E . 8.50 28.14 28.58
O7 NAG E . 9.07 31.79 34.03
C1 NAG F . 28.19 53.96 32.89
C2 NAG F . 28.94 55.30 32.92
C3 NAG F . 28.10 56.42 32.29
C4 NAG F . 27.64 56.01 30.90
C5 NAG F . 26.91 54.67 30.95
C6 NAG F . 26.54 54.15 29.59
C7 NAG F . 28.65 55.92 35.35
C8 NAG F . 29.39 56.29 36.59
N2 NAG F . 29.40 55.68 34.26
O3 NAG F . 28.88 57.61 32.21
O4 NAG F . 26.75 57.00 30.38
O5 NAG F . 27.76 53.67 31.54
O6 NAG F . 27.26 52.96 29.27
O7 NAG F . 27.41 55.86 35.33
#